data_3Q06
#
_entry.id   3Q06
#
_cell.length_a   164.591
_cell.length_b   169.363
_cell.length_c   55.336
_cell.angle_alpha   90.00
_cell.angle_beta   90.00
_cell.angle_gamma   90.00
#
_symmetry.space_group_name_H-M   'P 21 21 2'
#
loop_
_entity.id
_entity.type
_entity.pdbx_description
1 polymer 'Cellular tumor antigen p53'
2 polymer 'DNA (26-MER)'
3 polymer 'DNA (26-MER)'
4 non-polymer 'ZINC ION'
#
loop_
_entity_poly.entity_id
_entity_poly.type
_entity_poly.pdbx_seq_one_letter_code
_entity_poly.pdbx_strand_id
1 'polypeptide(L)'
;SVPSQKTYQGSYGFRLGFLHSGTAKSVTCTYSPALNKMFVQLAKTVPVQLYVDSTPPPGTRVRAMAIYKQSQHMTEVVRR
CPHHERSSDSDGLAPPQHLIRVEGNLRAEYLDDPNTFRHSVVVPYEPPEVGSDYTTIYFKFMCNSSCMGGMNRRPILVII
TLEDSSGNLLGRDSFEVRVCACPGRDRRTEEENLRKKKTMDGEYFTLQIRGRERFEQFRERNEALELKDAQ
;
A,C,D,B
2 'polydeoxyribonucleotide'
;(DT)(DG)(DA)(DG)(DA)(DC)(DA)(DT)(DG)(DC)(DC)(DC)(DA)(DG)(DA)(DC)(DA)(DT)(DG)(DC)
(DC)(DC)(DG)(DT)(DT)(DT)
;
K
3 'polydeoxyribonucleotide'
;(DA)(DC)(DG)(DG)(DG)(DC)(DA)(DT)(DG)(DT)(DC)(DT)(DG)(DG)(DG)(DC)(DA)(DT)(DG)(DT)
(DC)(DT)(DC)(DA)(DA)(DA)
;
L
#
loop_
_chem_comp.id
_chem_comp.type
_chem_comp.name
_chem_comp.formula
DA DNA linking 2'-DEOXYADENOSINE-5'-MONOPHOSPHATE 'C10 H14 N5 O6 P'
DC DNA linking 2'-DEOXYCYTIDINE-5'-MONOPHOSPHATE 'C9 H14 N3 O7 P'
DG DNA linking 2'-DEOXYGUANOSINE-5'-MONOPHOSPHATE 'C10 H14 N5 O7 P'
DT DNA linking THYMIDINE-5'-MONOPHOSPHATE 'C10 H15 N2 O8 P'
ZN non-polymer 'ZINC ION' 'Zn 2'
#
# COMPACT_ATOMS: atom_id res chain seq x y z
N SER A 1 15.84 18.19 -6.43
CA SER A 1 17.29 18.27 -6.12
C SER A 1 17.49 18.03 -4.63
N VAL A 2 18.45 17.16 -4.30
CA VAL A 2 18.77 16.81 -2.91
C VAL A 2 20.12 17.37 -2.49
N PRO A 3 20.15 18.47 -1.72
CA PRO A 3 21.41 19.07 -1.28
C PRO A 3 22.41 18.07 -0.70
N SER A 4 23.69 18.35 -0.89
CA SER A 4 24.75 17.47 -0.40
C SER A 4 24.78 17.37 1.10
N GLN A 5 25.35 16.27 1.58
CA GLN A 5 25.47 16.05 3.01
C GLN A 5 26.91 15.65 3.27
N LYS A 6 27.75 15.86 2.28
CA LYS A 6 29.15 15.49 2.40
C LYS A 6 29.90 16.42 3.34
N THR A 7 30.50 15.83 4.38
CA THR A 7 31.27 16.60 5.34
C THR A 7 32.36 17.32 4.59
N TYR A 8 32.66 18.53 5.01
CA TYR A 8 33.68 19.33 4.33
C TYR A 8 34.11 20.45 5.26
N GLN A 9 35.23 20.26 5.95
CA GLN A 9 35.72 21.26 6.89
C GLN A 9 36.12 22.61 6.29
N GLY A 10 36.39 22.64 4.98
CA GLY A 10 36.77 23.89 4.35
C GLY A 10 38.06 24.45 4.92
N SER A 11 38.42 25.67 4.51
CA SER A 11 39.65 26.29 4.96
C SER A 11 39.58 26.87 6.37
N TYR A 12 38.44 26.71 7.04
CA TYR A 12 38.29 27.23 8.39
C TYR A 12 38.11 26.09 9.39
N GLY A 13 38.32 24.87 8.93
CA GLY A 13 38.19 23.72 9.81
C GLY A 13 36.88 23.76 10.57
N PHE A 14 35.78 23.93 9.84
CA PHE A 14 34.44 23.99 10.43
C PHE A 14 33.92 22.61 10.77
N ARG A 15 33.38 22.45 11.96
CA ARG A 15 32.85 21.17 12.39
C ARG A 15 31.90 21.34 13.56
N LEU A 16 31.07 20.34 13.84
CA LEU A 16 30.12 20.48 14.94
C LEU A 16 30.52 19.74 16.21
N GLY A 17 29.89 20.13 17.33
CA GLY A 17 30.17 19.50 18.61
C GLY A 17 28.97 19.57 19.53
N PHE A 18 28.71 18.52 20.29
CA PHE A 18 27.57 18.49 21.18
C PHE A 18 27.93 18.31 22.65
N LEU A 19 26.92 18.35 23.52
CA LEU A 19 27.12 18.20 24.96
C LEU A 19 26.50 16.88 25.47
N HIS A 20 26.78 16.55 26.72
CA HIS A 20 26.26 15.31 27.33
C HIS A 20 24.81 15.46 27.85
N SER A 21 24.24 14.34 28.30
CA SER A 21 22.88 14.34 28.82
C SER A 21 22.73 13.49 30.08
N GLY A 22 22.32 14.14 31.17
CA GLY A 22 22.13 13.44 32.43
C GLY A 22 22.03 14.39 33.63
N THR A 23 21.75 15.66 33.37
CA THR A 23 21.62 16.65 34.44
C THR A 23 20.23 17.31 34.46
N ALA A 24 20.18 18.59 34.13
CA ALA A 24 18.92 19.34 34.14
C ALA A 24 17.98 18.98 32.99
N LYS A 25 17.90 19.85 31.98
CA LYS A 25 17.03 19.64 30.82
C LYS A 25 17.66 18.64 29.85
N SER A 26 18.41 17.68 30.38
CA SER A 26 19.09 16.68 29.56
C SER A 26 18.24 15.55 28.98
N VAL A 27 17.44 14.91 29.82
CA VAL A 27 16.60 13.81 29.35
C VAL A 27 15.66 14.28 28.24
N THR A 28 15.53 15.59 28.12
CA THR A 28 14.68 16.18 27.09
C THR A 28 15.57 16.58 25.92
N CYS A 29 16.68 15.87 25.75
CA CYS A 29 17.63 16.15 24.69
C CYS A 29 18.94 15.44 24.98
N THR A 30 19.20 14.33 24.30
CA THR A 30 20.42 13.58 24.52
C THR A 30 21.12 13.30 23.20
N TYR A 31 22.45 13.24 23.24
CA TYR A 31 23.26 12.96 22.05
C TYR A 31 24.09 11.71 22.21
N SER A 32 24.05 10.82 21.22
CA SER A 32 24.82 9.60 21.29
C SER A 32 25.81 9.56 20.13
N PRO A 33 27.10 9.79 20.43
CA PRO A 33 28.23 9.81 19.48
C PRO A 33 28.35 8.53 18.66
N ALA A 34 28.12 7.40 19.31
CA ALA A 34 28.20 6.11 18.62
C ALA A 34 27.31 6.13 17.39
N LEU A 35 26.24 6.91 17.46
CA LEU A 35 25.31 7.01 16.35
C LEU A 35 25.40 8.36 15.66
N ASN A 36 26.03 9.33 16.32
CA ASN A 36 26.14 10.70 15.78
C ASN A 36 24.70 11.13 15.57
N LYS A 37 23.86 10.80 16.54
CA LYS A 37 22.45 11.10 16.47
C LYS A 37 21.97 11.83 17.72
N MET A 38 21.12 12.83 17.50
CA MET A 38 20.56 13.64 18.57
C MET A 38 19.11 13.26 18.83
N PHE A 39 18.82 12.77 20.03
CA PHE A 39 17.45 12.38 20.37
C PHE A 39 16.88 13.55 21.14
N VAL A 40 15.72 14.07 20.72
CA VAL A 40 15.13 15.23 21.41
C VAL A 40 13.62 15.32 21.33
N GLN A 41 13.02 15.93 22.36
CA GLN A 41 11.56 16.08 22.44
C GLN A 41 10.99 17.21 21.60
N LEU A 42 9.79 17.00 21.10
CA LEU A 42 9.12 17.98 20.28
C LEU A 42 9.15 19.36 20.91
N ALA A 43 9.50 20.36 20.12
CA ALA A 43 9.54 21.75 20.58
C ALA A 43 10.54 22.10 21.68
N LYS A 44 11.31 21.14 22.18
CA LYS A 44 12.29 21.45 23.20
C LYS A 44 13.58 21.92 22.54
N THR A 45 14.37 22.68 23.27
CA THR A 45 15.62 23.23 22.77
C THR A 45 16.79 22.25 22.64
N VAL A 46 17.53 22.38 21.54
CA VAL A 46 18.69 21.54 21.30
C VAL A 46 19.85 22.49 21.01
N PRO A 47 20.92 22.44 21.82
CA PRO A 47 22.08 23.32 21.63
C PRO A 47 23.17 22.67 20.80
N VAL A 48 23.79 23.45 19.92
CA VAL A 48 24.87 22.93 19.08
C VAL A 48 26.08 23.85 19.02
N GLN A 49 27.27 23.25 19.08
CA GLN A 49 28.51 24.01 19.05
C GLN A 49 29.18 24.07 17.68
N LEU A 50 29.54 25.28 17.27
CA LEU A 50 30.21 25.51 15.99
C LEU A 50 31.68 25.77 16.25
N TYR A 51 32.54 24.88 15.77
CA TYR A 51 33.98 25.03 15.94
C TYR A 51 34.60 25.42 14.61
N VAL A 52 35.58 26.31 14.65
CA VAL A 52 36.27 26.75 13.45
C VAL A 52 37.70 27.13 13.80
N ASP A 53 38.64 26.68 12.98
CA ASP A 53 40.06 26.94 13.18
C ASP A 53 40.37 28.43 13.19
N SER A 54 40.43 29.01 11.99
CA SER A 54 40.71 30.43 11.84
C SER A 54 39.40 31.16 12.12
N THR A 55 39.23 32.32 11.52
CA THR A 55 38.02 33.09 11.73
C THR A 55 37.36 33.50 10.43
N PRO A 56 36.09 33.13 10.25
CA PRO A 56 35.30 33.43 9.07
C PRO A 56 35.30 34.92 8.72
N PRO A 57 35.32 35.23 7.43
CA PRO A 57 35.32 36.61 6.94
C PRO A 57 33.99 37.27 7.21
N PRO A 58 33.95 38.61 7.17
CA PRO A 58 32.76 39.45 7.39
C PRO A 58 31.60 39.15 6.46
N GLY A 59 30.43 38.87 7.03
CA GLY A 59 29.25 38.56 6.21
C GLY A 59 28.93 37.08 6.19
N THR A 60 29.77 36.29 6.82
CA THR A 60 29.62 34.84 6.91
C THR A 60 28.32 34.49 7.61
N ARG A 61 27.65 33.43 7.15
CA ARG A 61 26.40 33.00 7.76
C ARG A 61 26.42 31.51 8.06
N VAL A 62 25.45 31.05 8.83
CA VAL A 62 25.32 29.64 9.18
C VAL A 62 23.89 29.19 8.88
N ARG A 63 23.77 28.12 8.10
CA ARG A 63 22.46 27.61 7.72
C ARG A 63 22.19 26.20 8.23
N ALA A 64 20.92 25.89 8.45
CA ALA A 64 20.54 24.55 8.91
C ALA A 64 19.38 24.03 8.06
N MET A 65 19.52 22.82 7.53
CA MET A 65 18.48 22.25 6.69
C MET A 65 18.32 20.74 6.96
N ALA A 66 17.15 20.20 6.64
CA ALA A 66 16.89 18.78 6.85
C ALA A 66 16.57 18.04 5.55
N ILE A 67 17.08 16.82 5.44
CA ILE A 67 16.83 15.98 4.28
C ILE A 67 16.50 14.61 4.86
N TYR A 68 15.77 13.77 4.14
CA TYR A 68 15.48 12.46 4.71
C TYR A 68 16.75 11.64 4.60
N LYS A 69 16.92 10.66 5.48
CA LYS A 69 18.14 9.87 5.48
C LYS A 69 18.07 8.78 4.43
N GLN A 70 16.97 8.02 4.45
CA GLN A 70 16.78 6.93 3.50
C GLN A 70 16.72 7.44 2.06
N SER A 71 17.32 6.69 1.15
CA SER A 71 17.36 7.08 -0.25
C SER A 71 16.02 7.19 -0.95
N GLN A 72 15.09 6.30 -0.67
CA GLN A 72 13.81 6.41 -1.37
C GLN A 72 13.03 7.65 -0.95
N HIS A 73 13.56 8.39 0.02
CA HIS A 73 12.89 9.58 0.51
C HIS A 73 13.61 10.94 0.35
N MET A 74 14.91 10.91 0.10
CA MET A 74 15.69 12.14 -0.03
C MET A 74 15.01 13.20 -0.85
N THR A 75 14.72 12.88 -2.10
CA THR A 75 14.06 13.84 -2.98
C THR A 75 12.82 14.49 -2.37
N GLU A 76 12.29 13.95 -1.27
CA GLU A 76 11.10 14.56 -0.66
C GLU A 76 11.42 15.64 0.34
N VAL A 77 10.92 16.84 0.10
CA VAL A 77 11.11 17.97 1.00
C VAL A 77 10.59 17.60 2.37
N VAL A 78 11.32 18.01 3.41
CA VAL A 78 10.90 17.69 4.77
C VAL A 78 9.97 18.77 5.31
N ARG A 79 8.67 18.58 5.14
CA ARG A 79 7.74 19.58 5.61
C ARG A 79 7.30 19.32 7.04
N ARG A 80 6.36 20.10 7.52
CA ARG A 80 5.86 19.93 8.87
C ARG A 80 4.49 19.28 8.73
N CYS A 81 4.14 18.39 9.65
CA CYS A 81 2.85 17.72 9.55
C CYS A 81 1.72 18.76 9.46
N PRO A 82 0.61 18.41 8.79
CA PRO A 82 -0.54 19.31 8.63
C PRO A 82 -1.22 19.72 9.93
N HIS A 83 -1.32 18.78 10.85
CA HIS A 83 -1.96 19.07 12.13
C HIS A 83 -1.31 20.24 12.82
N HIS A 84 0.02 20.19 12.88
CA HIS A 84 0.82 21.22 13.53
C HIS A 84 0.99 22.48 12.70
N GLU A 85 1.03 22.35 11.39
CA GLU A 85 1.19 23.52 10.55
C GLU A 85 0.11 24.52 10.90
N ARG A 86 -0.92 24.07 11.60
CA ARG A 86 -2.01 24.95 12.01
C ARG A 86 -2.08 25.09 13.54
N SER A 87 -1.11 25.82 14.10
CA SER A 87 -1.05 26.06 15.54
C SER A 87 -0.38 27.40 15.83
N SER A 88 -0.72 27.99 16.97
CA SER A 88 -0.18 29.28 17.38
C SER A 88 1.24 29.16 17.91
N ASP A 89 1.80 27.96 17.84
CA ASP A 89 3.16 27.70 18.32
C ASP A 89 4.21 28.31 17.39
N SER A 90 4.16 29.63 17.26
CA SER A 90 5.10 30.36 16.42
C SER A 90 5.42 31.71 17.03
N ASP A 91 6.71 31.94 17.28
CA ASP A 91 7.18 33.20 17.85
C ASP A 91 6.76 34.37 16.99
N GLY A 92 6.46 34.08 15.73
CA GLY A 92 6.03 35.12 14.80
C GLY A 92 7.04 35.32 13.69
N LEU A 93 8.33 35.24 14.04
CA LEU A 93 9.39 35.42 13.08
C LEU A 93 9.53 34.22 12.16
N ALA A 94 9.01 33.06 12.59
CA ALA A 94 9.15 31.85 11.79
C ALA A 94 7.87 31.20 11.29
N PRO A 95 7.78 30.99 9.97
CA PRO A 95 6.64 30.37 9.29
C PRO A 95 6.25 29.06 9.97
N PRO A 96 4.95 28.70 9.90
CA PRO A 96 4.45 27.47 10.52
C PRO A 96 4.85 26.16 9.85
N GLN A 97 5.22 26.22 8.57
CA GLN A 97 5.59 24.99 7.88
C GLN A 97 6.98 24.50 8.27
N HIS A 98 7.90 25.44 8.45
CA HIS A 98 9.27 25.11 8.82
C HIS A 98 9.40 24.20 10.02
N LEU A 99 10.17 23.12 9.86
CA LEU A 99 10.40 22.16 10.95
C LEU A 99 11.42 22.69 11.94
N ILE A 100 12.58 23.11 11.42
CA ILE A 100 13.65 23.63 12.26
C ILE A 100 13.48 25.10 12.58
N ARG A 101 13.82 25.47 13.82
CA ARG A 101 13.76 26.86 14.24
C ARG A 101 14.97 27.18 15.12
N VAL A 102 15.49 28.40 14.99
CA VAL A 102 16.60 28.83 15.82
C VAL A 102 15.93 29.46 17.03
N GLU A 103 16.43 29.16 18.22
CA GLU A 103 15.82 29.71 19.41
C GLU A 103 16.68 30.82 20.01
N GLY A 104 16.06 31.98 20.22
CA GLY A 104 16.79 33.09 20.80
C GLY A 104 17.67 33.93 19.90
N ASN A 105 17.17 34.27 18.73
CA ASN A 105 17.94 35.09 17.80
C ASN A 105 17.07 35.79 16.77
N LEU A 106 16.66 37.02 17.05
CA LEU A 106 15.81 37.78 16.14
C LEU A 106 16.58 38.21 14.87
N ARG A 107 17.81 37.73 14.75
CA ARG A 107 18.63 38.05 13.59
C ARG A 107 18.54 36.91 12.57
N ALA A 108 17.91 35.82 13.00
CA ALA A 108 17.68 34.62 12.21
C ALA A 108 16.71 34.90 11.07
N GLU A 109 16.93 34.22 9.95
CA GLU A 109 16.11 34.40 8.75
C GLU A 109 15.70 33.05 8.19
N TYR A 110 14.41 32.88 7.92
CA TYR A 110 13.89 31.61 7.38
C TYR A 110 13.70 31.67 5.88
N LEU A 111 14.06 30.60 5.17
CA LEU A 111 13.89 30.58 3.73
C LEU A 111 13.09 29.40 3.20
N ASP A 112 12.24 29.69 2.20
CA ASP A 112 11.42 28.70 1.55
C ASP A 112 11.76 28.85 0.07
N ASP A 113 12.95 28.35 -0.29
CA ASP A 113 13.49 28.42 -1.65
C ASP A 113 12.45 28.28 -2.77
N PRO A 114 12.58 29.11 -3.81
CA PRO A 114 11.69 29.13 -4.97
C PRO A 114 11.96 27.97 -5.93
N ASN A 115 13.20 27.53 -6.00
CA ASN A 115 13.57 26.45 -6.89
C ASN A 115 13.62 25.10 -6.16
N THR A 116 14.63 24.86 -5.34
CA THR A 116 14.73 23.59 -4.61
C THR A 116 13.47 23.30 -3.81
N PHE A 117 12.72 24.32 -3.45
CA PHE A 117 11.50 24.13 -2.66
C PHE A 117 11.82 23.57 -1.28
N ARG A 118 13.09 23.68 -0.90
CA ARG A 118 13.58 23.20 0.38
C ARG A 118 13.39 24.28 1.44
N HIS A 119 13.31 23.85 2.70
CA HIS A 119 13.15 24.75 3.84
C HIS A 119 14.47 24.87 4.57
N SER A 120 14.86 26.10 4.91
CA SER A 120 16.11 26.35 5.63
C SER A 120 16.07 27.57 6.56
N VAL A 121 17.06 27.68 7.44
CA VAL A 121 17.16 28.83 8.35
C VAL A 121 18.62 29.29 8.41
N VAL A 122 18.83 30.60 8.39
CA VAL A 122 20.19 31.14 8.46
C VAL A 122 20.38 32.24 9.48
N VAL A 123 21.58 32.33 10.03
CA VAL A 123 21.90 33.37 11.00
C VAL A 123 23.31 33.83 10.75
N PRO A 124 23.59 35.11 11.00
CA PRO A 124 24.94 35.65 10.80
C PRO A 124 25.89 34.95 11.73
N TYR A 125 27.09 34.62 11.24
CA TYR A 125 28.06 33.95 12.08
C TYR A 125 28.51 34.88 13.19
N GLU A 126 28.65 34.33 14.39
CA GLU A 126 29.10 35.11 15.54
C GLU A 126 30.31 34.39 16.16
N PRO A 127 31.36 35.16 16.51
CA PRO A 127 32.59 34.64 17.12
C PRO A 127 32.35 34.07 18.50
N PRO A 128 33.21 33.15 18.94
CA PRO A 128 33.04 32.55 20.27
C PRO A 128 33.11 33.62 21.34
N GLU A 129 32.50 33.36 22.50
CA GLU A 129 32.57 34.33 23.57
C GLU A 129 33.91 34.08 24.26
N VAL A 130 34.63 35.14 24.57
CA VAL A 130 35.93 35.03 25.23
C VAL A 130 35.87 33.96 26.32
N GLY A 131 36.75 32.97 26.20
CA GLY A 131 36.76 31.90 27.17
C GLY A 131 36.66 30.56 26.47
N SER A 132 35.53 30.32 25.81
CA SER A 132 35.31 29.09 25.07
C SER A 132 35.75 29.30 23.63
N ASP A 133 36.06 28.21 22.94
CA ASP A 133 36.50 28.29 21.55
C ASP A 133 35.45 27.74 20.59
N TYR A 134 34.19 28.13 20.80
CA TYR A 134 33.08 27.68 19.98
C TYR A 134 31.90 28.63 20.11
N THR A 135 31.01 28.60 19.12
CA THR A 135 29.82 29.43 19.13
C THR A 135 28.60 28.51 19.20
N THR A 136 28.01 28.42 20.39
CA THR A 136 26.83 27.60 20.57
C THR A 136 25.62 28.24 19.86
N ILE A 137 24.72 27.38 19.37
CA ILE A 137 23.53 27.83 18.65
C ILE A 137 22.35 26.98 19.14
N TYR A 138 21.15 27.56 19.21
CA TYR A 138 19.98 26.82 19.69
C TYR A 138 18.93 26.53 18.62
N PHE A 139 18.54 25.26 18.53
CA PHE A 139 17.55 24.81 17.56
C PHE A 139 16.32 24.20 18.23
N LYS A 140 15.18 24.30 17.56
CA LYS A 140 13.94 23.69 18.04
C LYS A 140 13.22 23.01 16.86
N PHE A 141 12.82 21.76 17.03
CA PHE A 141 12.13 21.03 15.96
C PHE A 141 10.62 20.97 16.26
N MET A 142 9.82 21.48 15.34
CA MET A 142 8.38 21.56 15.54
C MET A 142 7.40 20.46 15.15
N CYS A 143 7.89 19.21 15.02
CA CYS A 143 7.02 18.06 14.70
C CYS A 143 7.77 16.81 15.15
N ASN A 144 7.05 15.81 15.61
CA ASN A 144 7.68 14.57 16.07
C ASN A 144 8.14 13.70 14.91
N SER A 145 9.29 13.07 15.07
CA SER A 145 9.80 12.23 14.01
C SER A 145 8.91 11.02 13.95
N SER A 146 7.64 11.26 13.63
CA SER A 146 6.64 10.19 13.49
C SER A 146 5.24 10.79 13.32
N CYS A 147 5.15 12.05 12.94
CA CYS A 147 3.84 12.65 12.75
C CYS A 147 3.37 12.24 11.36
N MET A 148 2.10 11.86 11.23
CA MET A 148 1.57 11.49 9.91
C MET A 148 1.25 12.76 9.10
N GLY A 149 1.68 12.79 7.84
CA GLY A 149 1.47 13.96 7.03
C GLY A 149 2.80 14.68 7.06
N GLY A 150 3.58 14.33 8.08
CA GLY A 150 4.89 14.93 8.28
C GLY A 150 5.97 13.92 7.94
N MET A 151 7.12 14.04 8.61
CA MET A 151 8.23 13.13 8.37
C MET A 151 7.77 11.69 8.28
N ASN A 152 6.74 11.36 9.05
CA ASN A 152 6.17 10.02 9.06
C ASN A 152 7.13 8.91 9.46
N ARG A 153 7.88 9.13 10.54
CA ARG A 153 8.78 8.10 11.02
C ARG A 153 10.01 7.90 10.14
N ARG A 154 10.11 8.66 9.06
CA ARG A 154 11.28 8.58 8.19
C ARG A 154 12.43 9.32 8.87
N PRO A 155 13.55 8.64 9.10
CA PRO A 155 14.69 9.30 9.75
C PRO A 155 15.17 10.49 8.94
N ILE A 156 15.49 11.59 9.61
CA ILE A 156 15.91 12.80 8.92
C ILE A 156 17.36 13.12 9.27
N LEU A 157 17.95 14.05 8.54
CA LEU A 157 19.35 14.43 8.74
C LEU A 157 19.45 15.94 8.70
N VAL A 158 20.14 16.54 9.65
CA VAL A 158 20.28 18.00 9.65
C VAL A 158 21.67 18.36 9.13
N ILE A 159 21.70 19.21 8.11
CA ILE A 159 22.96 19.63 7.50
C ILE A 159 23.29 21.07 7.88
N ILE A 160 24.25 21.27 8.78
CA ILE A 160 24.63 22.63 9.13
C ILE A 160 25.70 23.01 8.15
N THR A 161 25.63 24.23 7.64
CA THR A 161 26.59 24.68 6.66
C THR A 161 27.04 26.13 6.87
N LEU A 162 28.30 26.38 6.55
CA LEU A 162 28.92 27.69 6.70
C LEU A 162 29.08 28.31 5.32
N GLU A 163 28.21 29.27 4.99
CA GLU A 163 28.27 29.93 3.71
C GLU A 163 28.71 31.38 3.84
N ASP A 164 29.29 31.93 2.77
CA ASP A 164 29.75 33.31 2.77
C ASP A 164 28.61 34.28 2.47
N SER A 165 28.92 35.57 2.44
CA SER A 165 27.90 36.59 2.20
C SER A 165 27.12 36.33 0.93
N SER A 166 27.81 35.83 -0.09
CA SER A 166 27.18 35.56 -1.38
C SER A 166 26.42 34.24 -1.37
N GLY A 167 26.76 33.36 -0.43
CA GLY A 167 26.07 32.09 -0.34
C GLY A 167 26.96 30.90 -0.61
N ASN A 168 28.13 31.15 -1.20
CA ASN A 168 29.07 30.09 -1.52
C ASN A 168 29.41 29.22 -0.32
N LEU A 169 29.64 27.94 -0.56
CA LEU A 169 29.96 27.02 0.53
C LEU A 169 31.34 27.33 1.12
N LEU A 170 31.51 27.09 2.41
CA LEU A 170 32.77 27.32 3.08
C LEU A 170 33.08 26.21 4.05
N GLY A 171 32.07 25.41 4.34
CA GLY A 171 32.27 24.31 5.26
C GLY A 171 30.92 23.69 5.50
N ARG A 172 30.88 22.38 5.74
CA ARG A 172 29.62 21.71 5.97
C ARG A 172 29.78 20.56 6.94
N ASP A 173 28.69 20.21 7.61
CA ASP A 173 28.71 19.12 8.55
C ASP A 173 27.28 18.69 8.78
N SER A 174 27.07 17.56 9.45
CA SER A 174 25.72 17.10 9.68
C SER A 174 25.59 16.06 10.78
N PHE A 175 24.35 15.82 11.20
CA PHE A 175 24.08 14.84 12.24
C PHE A 175 22.64 14.38 12.16
N GLU A 176 22.37 13.18 12.66
CA GLU A 176 21.03 12.61 12.63
C GLU A 176 20.26 13.07 13.86
N VAL A 177 18.98 13.37 13.67
CA VAL A 177 18.09 13.85 14.73
C VAL A 177 16.80 13.07 14.71
N ARG A 178 16.33 12.65 15.87
CA ARG A 178 15.07 11.93 15.96
C ARG A 178 14.20 12.67 16.95
N VAL A 179 13.09 13.22 16.50
CA VAL A 179 12.21 13.91 17.44
C VAL A 179 11.24 12.88 18.00
N CYS A 180 11.04 12.89 19.32
CA CYS A 180 10.12 11.91 19.91
C CYS A 180 9.56 12.39 21.23
N ALA A 181 9.15 11.44 22.06
CA ALA A 181 8.57 11.76 23.36
C ALA A 181 9.35 11.14 24.50
N CYS A 182 10.35 10.32 24.18
CA CYS A 182 11.16 9.66 25.20
C CYS A 182 12.58 9.50 24.67
N PRO A 183 13.31 10.61 24.56
CA PRO A 183 14.70 10.61 24.06
C PRO A 183 15.57 9.57 24.73
N GLY A 184 15.62 9.62 26.06
CA GLY A 184 16.43 8.67 26.79
C GLY A 184 16.16 7.24 26.36
N ARG A 185 14.90 6.84 26.43
CA ARG A 185 14.48 5.51 26.04
C ARG A 185 14.96 5.17 24.64
N ASP A 186 14.41 5.88 23.65
CA ASP A 186 14.76 5.66 22.27
C ASP A 186 16.27 5.60 22.04
N ARG A 187 17.03 6.40 22.78
CA ARG A 187 18.48 6.37 22.59
C ARG A 187 19.03 5.03 23.08
N ARG A 188 18.68 4.65 24.31
CA ARG A 188 19.16 3.38 24.86
C ARG A 188 18.83 2.28 23.87
N THR A 189 17.53 2.13 23.61
CA THR A 189 17.03 1.12 22.68
C THR A 189 17.93 1.02 21.45
N GLU A 190 18.09 2.14 20.76
CA GLU A 190 18.91 2.16 19.56
C GLU A 190 20.39 1.87 19.84
N GLU A 191 20.88 2.30 21.00
CA GLU A 191 22.28 2.04 21.36
C GLU A 191 22.38 0.57 21.73
N GLU A 192 21.22 -0.06 21.92
CA GLU A 192 21.15 -1.47 22.29
C GLU A 192 21.10 -2.36 21.05
N ASN A 193 20.26 -1.99 20.10
CA ASN A 193 20.15 -2.78 18.88
C ASN A 193 21.48 -2.71 18.12
N LEU A 194 22.37 -1.84 18.58
CA LEU A 194 23.68 -1.71 17.95
C LEU A 194 24.61 -2.61 18.75
N ARG A 195 24.52 -2.50 20.08
CA ARG A 195 25.34 -3.31 20.99
C ARG A 195 24.82 -4.76 20.92
N LYS A 196 24.02 -5.03 19.90
CA LYS A 196 23.43 -6.35 19.68
C LYS A 196 23.59 -6.70 18.20
N LYS A 197 24.27 -5.84 17.47
CA LYS A 197 24.50 -6.05 16.04
C LYS A 197 25.94 -6.48 15.85
N LYS A 198 26.70 -6.47 16.94
CA LYS A 198 28.11 -6.86 16.92
C LYS A 198 28.35 -8.17 17.68
N THR A 199 27.66 -8.34 18.80
CA THR A 199 27.81 -9.54 19.61
C THR A 199 26.94 -10.68 19.08
N MET A 200 25.66 -10.38 18.83
CA MET A 200 24.72 -11.37 18.32
C MET A 200 25.27 -12.04 17.06
N ASP A 201 26.04 -11.27 16.29
CA ASP A 201 26.64 -11.75 15.05
C ASP A 201 28.14 -11.97 15.24
N GLY A 202 28.59 -13.22 15.15
CA GLY A 202 30.00 -13.52 15.32
C GLY A 202 30.60 -14.49 14.32
N GLU A 203 29.76 -15.29 13.68
CA GLU A 203 30.20 -16.27 12.68
C GLU A 203 31.23 -15.71 11.69
N TYR A 204 32.18 -16.55 11.28
CA TYR A 204 33.22 -16.13 10.33
C TYR A 204 32.94 -16.60 8.90
N PHE A 205 33.47 -15.87 7.93
CA PHE A 205 33.30 -16.20 6.52
C PHE A 205 34.63 -15.97 5.80
N THR A 206 34.93 -16.81 4.81
CA THR A 206 36.19 -16.68 4.05
C THR A 206 35.95 -16.03 2.68
N LEU A 207 37.04 -15.71 2.00
CA LEU A 207 36.98 -15.07 0.70
C LEU A 207 38.22 -15.38 -0.12
N GLN A 208 38.01 -15.75 -1.38
CA GLN A 208 39.10 -16.09 -2.30
C GLN A 208 39.52 -14.82 -3.04
N ILE A 209 40.78 -14.45 -2.93
CA ILE A 209 41.30 -13.23 -3.58
C ILE A 209 42.55 -13.43 -4.44
N ARG A 210 42.37 -13.65 -5.74
CA ARG A 210 43.50 -13.86 -6.64
C ARG A 210 44.29 -12.57 -6.83
N GLY A 211 45.61 -12.72 -6.96
CA GLY A 211 46.48 -11.56 -7.13
C GLY A 211 47.38 -11.33 -5.93
N ARG A 212 48.66 -11.61 -6.10
CA ARG A 212 49.65 -11.44 -5.05
C ARG A 212 49.59 -10.02 -4.50
N GLU A 213 49.65 -9.04 -5.41
CA GLU A 213 49.62 -7.63 -5.02
C GLU A 213 48.26 -7.17 -4.50
N ARG A 214 47.21 -7.88 -4.89
CA ARG A 214 45.85 -7.55 -4.46
C ARG A 214 45.55 -8.10 -3.07
N PHE A 215 46.13 -9.25 -2.75
CA PHE A 215 45.93 -9.86 -1.45
C PHE A 215 46.50 -8.96 -0.37
N GLU A 216 47.67 -8.40 -0.62
CA GLU A 216 48.30 -7.51 0.36
C GLU A 216 47.49 -6.22 0.52
N GLN A 217 46.61 -5.93 -0.44
CA GLN A 217 45.78 -4.74 -0.37
C GLN A 217 44.58 -5.00 0.52
N PHE A 218 44.11 -6.25 0.51
CA PHE A 218 42.97 -6.66 1.33
C PHE A 218 43.47 -7.10 2.68
N ARG A 219 44.74 -7.52 2.73
CA ARG A 219 45.37 -7.96 3.97
C ARG A 219 45.51 -6.74 4.87
N GLU A 220 46.30 -5.78 4.43
CA GLU A 220 46.54 -4.53 5.17
C GLU A 220 45.23 -3.80 5.41
N ARG A 221 44.19 -4.20 4.68
CA ARG A 221 42.86 -3.60 4.79
C ARG A 221 42.11 -4.24 5.95
N ASN A 222 42.13 -5.57 5.99
CA ASN A 222 41.46 -6.32 7.04
C ASN A 222 42.32 -6.39 8.29
N GLU A 223 43.64 -6.26 8.10
CA GLU A 223 44.58 -6.30 9.21
C GLU A 223 44.43 -4.99 9.97
N ALA A 224 43.64 -4.09 9.40
CA ALA A 224 43.37 -2.78 9.99
C ALA A 224 42.16 -2.84 10.91
N LEU A 225 41.14 -3.58 10.49
CA LEU A 225 39.92 -3.73 11.28
C LEU A 225 40.13 -4.66 12.47
N GLU A 226 41.21 -5.44 12.42
CA GLU A 226 41.53 -6.36 13.50
C GLU A 226 42.03 -5.59 14.72
N LEU A 227 42.51 -4.38 14.48
CA LEU A 227 43.03 -3.52 15.54
C LEU A 227 41.87 -2.69 16.13
N LYS A 228 41.28 -1.86 15.29
CA LYS A 228 40.16 -1.01 15.69
C LYS A 228 38.88 -1.82 15.82
N ASP A 229 38.86 -2.74 16.79
CA ASP A 229 37.69 -3.56 17.01
C ASP A 229 37.75 -4.24 18.37
N ALA A 230 38.80 -5.01 18.61
CA ALA A 230 38.98 -5.72 19.88
C ALA A 230 39.14 -4.72 21.03
N GLN A 231 39.42 -3.47 20.69
CA GLN A 231 39.61 -2.42 21.68
C GLN A 231 38.27 -1.81 22.09
N SER B 1 15.19 1.90 -35.72
CA SER B 1 16.61 2.11 -35.32
C SER B 1 16.88 1.68 -33.87
N VAL B 2 18.08 1.16 -33.65
CA VAL B 2 18.53 0.71 -32.34
C VAL B 2 19.73 1.54 -31.87
N PRO B 3 19.62 2.22 -30.72
CA PRO B 3 20.73 3.04 -30.22
C PRO B 3 21.93 2.22 -29.74
N SER B 4 23.11 2.83 -29.81
CA SER B 4 24.35 2.18 -29.40
C SER B 4 24.47 2.08 -27.89
N GLN B 5 25.25 1.11 -27.42
CA GLN B 5 25.42 0.98 -25.99
C GLN B 5 26.90 1.04 -25.68
N LYS B 6 27.71 0.96 -26.73
CA LYS B 6 29.16 1.00 -26.58
C LYS B 6 29.64 2.11 -25.66
N THR B 7 30.20 1.71 -24.53
CA THR B 7 30.72 2.66 -23.57
C THR B 7 31.62 3.69 -24.27
N TYR B 8 31.65 4.90 -23.75
CA TYR B 8 32.45 5.94 -24.37
C TYR B 8 32.74 7.03 -23.36
N GLN B 9 33.93 6.98 -22.76
CA GLN B 9 34.34 7.97 -21.76
C GLN B 9 34.48 9.38 -22.30
N GLY B 10 34.81 9.49 -23.58
CA GLY B 10 34.97 10.80 -24.18
C GLY B 10 36.12 11.58 -23.62
N SER B 11 36.24 12.82 -24.07
CA SER B 11 37.33 13.68 -23.63
C SER B 11 37.19 14.21 -22.21
N TYR B 12 36.16 13.77 -21.50
CA TYR B 12 35.99 14.24 -20.13
C TYR B 12 35.92 13.05 -19.18
N GLY B 13 36.29 11.88 -19.67
CA GLY B 13 36.28 10.71 -18.81
C GLY B 13 34.98 10.53 -18.07
N PHE B 14 33.89 10.40 -18.83
CA PHE B 14 32.55 10.25 -18.29
C PHE B 14 32.25 8.83 -17.92
N ARG B 15 31.65 8.63 -16.76
CA ARG B 15 31.28 7.28 -16.35
C ARG B 15 30.37 7.32 -15.13
N LEU B 16 29.56 6.29 -14.92
CA LEU B 16 28.64 6.33 -13.79
C LEU B 16 29.17 5.76 -12.48
N GLY B 17 28.38 5.91 -11.42
CA GLY B 17 28.74 5.40 -10.10
C GLY B 17 27.48 5.13 -9.30
N PHE B 18 27.48 4.09 -8.47
CA PHE B 18 26.31 3.74 -7.67
C PHE B 18 26.58 3.59 -6.18
N LEU B 19 25.54 3.59 -5.35
CA LEU B 19 25.71 3.45 -3.88
C LEU B 19 26.09 2.02 -3.44
N HIS B 20 26.17 1.80 -2.13
CA HIS B 20 26.56 0.48 -1.64
C HIS B 20 25.62 -0.20 -0.68
N SER B 21 24.32 -0.16 -0.99
CA SER B 21 23.26 -0.77 -0.17
C SER B 21 23.31 -2.27 -0.03
N GLY B 22 22.59 -2.80 0.96
CA GLY B 22 22.57 -4.22 1.21
C GLY B 22 21.63 -5.11 0.40
N THR B 23 21.10 -6.15 1.03
CA THR B 23 20.22 -7.07 0.32
C THR B 23 19.00 -7.55 1.12
N ALA B 24 18.76 -6.97 2.28
CA ALA B 24 17.59 -7.34 3.08
C ALA B 24 16.36 -7.07 2.23
N LYS B 25 15.37 -7.95 2.29
CA LYS B 25 14.14 -7.78 1.51
C LYS B 25 13.36 -6.49 1.85
N SER B 26 13.97 -5.65 2.71
CA SER B 26 13.36 -4.40 3.11
C SER B 26 13.96 -3.22 2.33
N VAL B 27 15.06 -3.46 1.62
CA VAL B 27 15.69 -2.41 0.83
C VAL B 27 14.76 -2.15 -0.35
N THR B 28 14.78 -0.93 -0.87
CA THR B 28 13.90 -0.57 -2.00
C THR B 28 14.69 -0.50 -3.29
N CYS B 29 16.01 -0.43 -3.17
CA CYS B 29 16.87 -0.33 -4.32
C CYS B 29 18.22 -0.88 -3.90
N THR B 30 18.95 -1.52 -4.80
CA THR B 30 20.25 -2.09 -4.44
C THR B 30 21.03 -2.50 -5.69
N TYR B 31 22.17 -1.87 -5.93
CA TYR B 31 23.01 -2.15 -7.11
C TYR B 31 24.01 -3.30 -6.94
N SER B 32 24.42 -3.87 -8.05
CA SER B 32 25.34 -4.98 -8.03
C SER B 32 26.56 -4.76 -8.87
N PRO B 33 27.71 -4.56 -8.22
CA PRO B 33 28.98 -4.35 -8.94
C PRO B 33 29.27 -5.60 -9.79
N ALA B 34 29.01 -6.75 -9.19
CA ALA B 34 29.21 -8.04 -9.85
C ALA B 34 28.51 -8.06 -11.21
N LEU B 35 27.19 -7.99 -11.18
CA LEU B 35 26.38 -8.03 -12.38
C LEU B 35 26.32 -6.68 -13.07
N ASN B 36 26.64 -5.61 -12.33
CA ASN B 36 26.57 -4.24 -12.86
C ASN B 36 25.08 -4.06 -13.21
N LYS B 37 24.25 -4.30 -12.22
CA LYS B 37 22.82 -4.25 -12.38
C LYS B 37 22.14 -3.59 -11.19
N MET B 38 21.10 -2.82 -11.48
CA MET B 38 20.35 -2.12 -10.46
C MET B 38 19.11 -2.94 -10.16
N PHE B 39 18.70 -3.02 -8.91
CA PHE B 39 17.51 -3.79 -8.56
C PHE B 39 16.58 -2.91 -7.74
N VAL B 40 15.78 -2.07 -8.40
CA VAL B 40 14.89 -1.18 -7.67
C VAL B 40 13.44 -1.56 -7.80
N GLN B 41 12.68 -1.28 -6.76
CA GLN B 41 11.26 -1.58 -6.75
C GLN B 41 10.48 -0.60 -7.63
N LEU B 42 9.24 -0.95 -7.94
CA LEU B 42 8.41 -0.10 -8.78
C LEU B 42 8.29 1.30 -8.22
N ALA B 43 8.58 2.28 -9.06
CA ALA B 43 8.47 3.71 -8.74
C ALA B 43 9.25 4.20 -7.52
N LYS B 44 10.37 3.55 -7.22
CA LYS B 44 11.20 3.94 -6.08
C LYS B 44 12.41 4.69 -6.59
N THR B 45 13.19 5.27 -5.67
CA THR B 45 14.37 6.03 -6.08
C THR B 45 15.62 5.19 -6.39
N VAL B 46 16.30 5.60 -7.45
CA VAL B 46 17.51 4.94 -7.93
C VAL B 46 18.56 6.01 -8.16
N PRO B 47 19.41 6.28 -7.16
CA PRO B 47 20.41 7.32 -7.44
C PRO B 47 21.55 6.87 -8.37
N VAL B 48 21.85 7.64 -9.41
CA VAL B 48 22.94 7.31 -10.32
C VAL B 48 23.95 8.46 -10.30
N GLN B 49 25.18 8.18 -9.91
CA GLN B 49 26.23 9.18 -9.83
C GLN B 49 26.86 9.43 -11.18
N LEU B 50 27.38 10.65 -11.37
CA LEU B 50 28.03 11.03 -12.62
C LEU B 50 29.43 11.59 -12.41
N TYR B 51 30.47 10.85 -12.76
CA TYR B 51 31.83 11.37 -12.61
C TYR B 51 32.39 11.85 -13.93
N VAL B 52 33.26 12.85 -13.88
CA VAL B 52 33.84 13.32 -15.11
C VAL B 52 35.19 14.00 -14.85
N ASP B 53 36.23 13.55 -15.54
CA ASP B 53 37.58 14.08 -15.37
C ASP B 53 37.69 15.58 -15.60
N SER B 54 36.98 16.07 -16.60
CA SER B 54 37.00 17.48 -16.87
C SER B 54 35.57 17.96 -16.93
N THR B 55 35.37 19.25 -16.72
CA THR B 55 34.04 19.80 -16.78
C THR B 55 33.69 20.04 -18.24
N PRO B 56 32.45 19.68 -18.64
CA PRO B 56 31.85 19.79 -19.98
C PRO B 56 31.52 21.21 -20.39
N PRO B 57 31.33 21.43 -21.68
CA PRO B 57 31.00 22.78 -22.16
C PRO B 57 29.63 23.21 -21.69
N PRO B 58 29.33 24.51 -21.75
CA PRO B 58 28.06 25.11 -21.34
C PRO B 58 26.89 24.63 -22.17
N GLY B 59 26.01 23.85 -21.55
CA GLY B 59 24.85 23.35 -22.27
C GLY B 59 24.77 21.84 -22.26
N THR B 60 25.86 21.19 -21.88
CA THR B 60 25.95 19.74 -21.83
C THR B 60 24.73 19.17 -21.10
N ARG B 61 24.19 18.07 -21.64
CA ARG B 61 23.02 17.41 -21.05
C ARG B 61 23.21 15.92 -20.83
N VAL B 62 22.40 15.39 -19.93
CA VAL B 62 22.39 13.99 -19.62
C VAL B 62 21.02 13.45 -20.03
N ARG B 63 21.03 12.35 -20.79
CA ARG B 63 19.80 11.72 -21.27
C ARG B 63 19.83 10.26 -20.88
N ALA B 64 18.70 9.73 -20.41
CA ALA B 64 18.68 8.34 -20.01
C ALA B 64 17.63 7.61 -20.82
N MET B 65 18.04 6.56 -21.53
CA MET B 65 17.13 5.79 -22.34
C MET B 65 17.22 4.30 -21.99
N ALA B 66 16.13 3.55 -22.22
CA ALA B 66 16.09 2.11 -21.95
C ALA B 66 16.01 1.24 -23.21
N ILE B 67 16.66 0.09 -23.20
CA ILE B 67 16.55 -0.78 -24.34
C ILE B 67 16.45 -2.20 -23.86
N TYR B 68 15.70 -3.03 -24.58
CA TYR B 68 15.59 -4.41 -24.19
C TYR B 68 17.01 -4.95 -24.39
N LYS B 69 17.44 -5.84 -23.51
CA LYS B 69 18.79 -6.38 -23.58
C LYS B 69 18.96 -7.38 -24.69
N GLN B 70 18.08 -8.39 -24.69
CA GLN B 70 18.10 -9.48 -25.67
C GLN B 70 18.04 -9.07 -27.15
N SER B 71 18.90 -9.69 -27.94
CA SER B 71 18.99 -9.40 -29.37
C SER B 71 17.66 -9.52 -30.06
N GLN B 72 16.83 -10.46 -29.63
CA GLN B 72 15.53 -10.60 -30.27
C GLN B 72 14.69 -9.31 -30.18
N HIS B 73 14.43 -8.86 -28.96
CA HIS B 73 13.62 -7.67 -28.77
C HIS B 73 14.32 -6.31 -28.79
N MET B 74 15.61 -6.29 -29.07
CA MET B 74 16.37 -5.04 -29.07
C MET B 74 15.87 -3.94 -30.03
N THR B 75 14.72 -4.14 -30.67
CA THR B 75 14.22 -3.10 -31.57
C THR B 75 12.82 -2.71 -31.15
N GLU B 76 12.35 -3.24 -30.02
CA GLU B 76 11.01 -2.95 -29.54
C GLU B 76 10.99 -1.89 -28.48
N VAL B 77 10.51 -0.69 -28.82
CA VAL B 77 10.43 0.41 -27.86
C VAL B 77 9.90 -0.01 -26.47
N VAL B 78 10.55 0.44 -25.40
CA VAL B 78 10.11 0.09 -24.04
C VAL B 78 9.01 1.05 -23.53
N ARG B 79 7.81 0.51 -23.35
CA ARG B 79 6.70 1.30 -22.87
C ARG B 79 6.14 0.76 -21.56
N ARG B 80 5.27 1.55 -20.93
CA ARG B 80 4.66 1.10 -19.70
C ARG B 80 3.59 0.11 -20.12
N CYS B 81 3.23 -0.82 -19.23
CA CYS B 81 2.21 -1.80 -19.56
C CYS B 81 0.90 -1.05 -19.59
N PRO B 82 -0.12 -1.60 -20.27
CA PRO B 82 -1.44 -0.99 -20.40
C PRO B 82 -2.00 -0.50 -19.09
N HIS B 83 -1.86 -1.33 -18.08
CA HIS B 83 -2.37 -1.03 -16.76
C HIS B 83 -1.83 0.23 -16.09
N HIS B 84 -0.52 0.30 -15.91
CA HIS B 84 0.08 1.46 -15.24
C HIS B 84 0.00 2.72 -16.09
N GLU B 85 -0.15 2.55 -17.38
CA GLU B 85 -0.26 3.67 -18.29
C GLU B 85 -1.58 4.40 -18.04
N ARG B 86 -2.63 3.65 -17.70
CA ARG B 86 -3.93 4.26 -17.45
C ARG B 86 -3.97 4.85 -16.05
N SER B 87 -2.80 5.19 -15.51
CA SER B 87 -2.73 5.77 -14.18
C SER B 87 -1.93 7.07 -14.21
N SER B 88 -2.63 8.19 -14.06
CA SER B 88 -2.01 9.51 -14.04
C SER B 88 -1.39 9.73 -12.66
N ASP B 89 -0.07 9.60 -12.60
CA ASP B 89 0.64 9.74 -11.34
C ASP B 89 0.98 11.19 -10.99
N SER B 90 1.19 11.42 -9.69
CA SER B 90 1.52 12.74 -9.15
C SER B 90 2.82 13.28 -9.74
N ASP B 91 2.85 13.37 -11.06
CA ASP B 91 4.01 13.85 -11.79
C ASP B 91 3.55 14.25 -13.17
N GLY B 92 2.50 15.08 -13.20
CA GLY B 92 1.93 15.53 -14.45
C GLY B 92 2.94 16.15 -15.39
N LEU B 93 4.16 16.37 -14.89
CA LEU B 93 5.20 16.93 -15.72
C LEU B 93 5.70 15.88 -16.70
N ALA B 94 5.39 14.61 -16.43
CA ALA B 94 5.85 13.54 -17.28
C ALA B 94 4.77 12.69 -17.94
N PRO B 95 4.99 12.31 -19.20
CA PRO B 95 4.14 11.49 -20.07
C PRO B 95 3.69 10.22 -19.36
N PRO B 96 2.39 9.92 -19.40
CA PRO B 96 1.89 8.73 -18.71
C PRO B 96 2.48 7.43 -19.22
N GLN B 97 3.05 7.45 -20.42
CA GLN B 97 3.61 6.24 -20.99
C GLN B 97 5.12 6.02 -20.87
N HIS B 98 5.84 6.98 -20.31
CA HIS B 98 7.28 6.83 -20.17
C HIS B 98 7.68 5.93 -19.02
N LEU B 99 8.59 4.99 -19.31
CA LEU B 99 9.05 4.07 -18.29
C LEU B 99 9.92 4.75 -17.26
N ILE B 100 10.88 5.53 -17.74
CA ILE B 100 11.83 6.25 -16.88
C ILE B 100 11.46 7.70 -16.57
N ARG B 101 11.38 8.01 -15.29
CA ARG B 101 11.09 9.38 -14.86
C ARG B 101 12.25 9.88 -14.03
N VAL B 102 12.41 11.19 -13.98
CA VAL B 102 13.46 11.77 -13.15
C VAL B 102 12.76 12.45 -12.00
N GLU B 103 13.39 12.47 -10.83
CA GLU B 103 12.75 13.10 -9.66
C GLU B 103 13.41 14.38 -9.19
N GLY B 104 12.59 15.31 -8.75
CA GLY B 104 13.10 16.58 -8.25
C GLY B 104 13.91 17.39 -9.22
N ASN B 105 13.36 17.62 -10.41
CA ASN B 105 14.06 18.43 -11.39
C ASN B 105 13.17 19.07 -12.45
N LEU B 106 12.49 20.14 -12.08
CA LEU B 106 11.61 20.84 -13.00
C LEU B 106 12.26 21.10 -14.38
N ARG B 107 13.59 21.17 -14.46
CA ARG B 107 14.24 21.43 -15.74
C ARG B 107 14.29 20.21 -16.65
N ALA B 108 13.87 19.06 -16.14
CA ALA B 108 13.89 17.80 -16.91
C ALA B 108 12.93 17.84 -18.08
N GLU B 109 13.34 17.20 -19.18
CA GLU B 109 12.56 17.14 -20.42
C GLU B 109 12.38 15.68 -20.83
N TYR B 110 11.14 15.31 -21.11
CA TYR B 110 10.83 13.94 -21.54
C TYR B 110 10.73 13.99 -23.05
N LEU B 111 11.05 12.89 -23.73
CA LEU B 111 11.00 12.89 -25.19
C LEU B 111 10.30 11.70 -25.84
N ASP B 112 9.81 11.90 -27.06
CA ASP B 112 9.16 10.85 -27.85
C ASP B 112 9.66 11.08 -29.28
N ASP B 113 10.93 10.75 -29.54
CA ASP B 113 11.45 10.98 -30.87
C ASP B 113 10.55 10.46 -31.96
N PRO B 114 10.13 11.37 -32.85
CA PRO B 114 9.25 10.98 -33.95
C PRO B 114 9.83 9.81 -34.73
N ASN B 115 10.99 10.03 -35.33
CA ASN B 115 11.63 9.00 -36.12
C ASN B 115 11.68 7.64 -35.43
N THR B 116 12.61 7.46 -34.49
CA THR B 116 12.79 6.19 -33.79
C THR B 116 11.61 5.75 -32.91
N PHE B 117 10.91 6.73 -32.33
CA PHE B 117 9.77 6.46 -31.46
C PHE B 117 10.19 6.07 -30.04
N ARG B 118 11.50 6.09 -29.78
CA ARG B 118 12.01 5.74 -28.47
C ARG B 118 11.60 6.83 -27.47
N HIS B 119 11.77 6.52 -26.19
CA HIS B 119 11.43 7.42 -25.10
C HIS B 119 12.67 7.69 -24.28
N SER B 120 12.84 8.92 -23.82
CA SER B 120 13.99 9.29 -23.01
C SER B 120 13.76 10.63 -22.33
N VAL B 121 14.41 10.83 -21.19
CA VAL B 121 14.28 12.08 -20.47
C VAL B 121 15.63 12.73 -20.37
N VAL B 122 15.66 14.07 -20.39
CA VAL B 122 16.93 14.80 -20.34
C VAL B 122 16.95 15.91 -19.30
N VAL B 123 18.11 16.15 -18.70
CA VAL B 123 18.24 17.18 -17.69
C VAL B 123 19.59 17.81 -17.86
N PRO B 124 19.70 19.14 -17.69
CA PRO B 124 20.94 19.90 -17.81
C PRO B 124 21.95 19.36 -16.86
N TYR B 125 23.18 19.27 -17.30
CA TYR B 125 24.26 18.78 -16.45
C TYR B 125 24.61 19.81 -15.38
N GLU B 126 24.93 19.34 -14.18
CA GLU B 126 25.31 20.25 -13.10
C GLU B 126 26.64 19.87 -12.42
N PRO B 127 27.61 20.78 -12.44
CA PRO B 127 28.93 20.58 -11.83
C PRO B 127 28.79 20.12 -10.40
N PRO B 128 29.70 19.27 -9.94
CA PRO B 128 29.64 18.77 -8.56
C PRO B 128 29.78 19.88 -7.53
N GLU B 129 28.95 19.87 -6.50
CA GLU B 129 29.02 20.89 -5.45
C GLU B 129 30.39 20.77 -4.78
N VAL B 130 30.98 21.89 -4.34
CA VAL B 130 32.31 21.83 -3.72
C VAL B 130 32.43 20.79 -2.61
N GLY B 131 33.62 20.24 -2.47
CA GLY B 131 33.85 19.24 -1.45
C GLY B 131 33.51 17.88 -2.02
N SER B 132 32.52 17.84 -2.89
CA SER B 132 32.11 16.60 -3.53
C SER B 132 32.82 16.46 -4.86
N ASP B 133 32.96 15.23 -5.36
CA ASP B 133 33.64 15.04 -6.63
C ASP B 133 32.87 14.20 -7.64
N TYR B 134 31.58 14.49 -7.77
CA TYR B 134 30.66 13.84 -8.71
C TYR B 134 29.27 14.47 -8.62
N THR B 135 28.36 14.04 -9.47
CA THR B 135 27.00 14.55 -9.42
C THR B 135 26.03 13.40 -9.45
N THR B 136 25.05 13.41 -8.55
CA THR B 136 24.09 12.35 -8.59
C THR B 136 22.81 12.89 -9.26
N ILE B 137 22.01 11.97 -9.76
CA ILE B 137 20.78 12.30 -10.45
C ILE B 137 19.79 11.21 -10.04
N TYR B 138 18.53 11.58 -9.84
CA TYR B 138 17.52 10.64 -9.37
C TYR B 138 16.42 10.18 -10.32
N PHE B 139 16.36 8.86 -10.56
CA PHE B 139 15.34 8.32 -11.47
C PHE B 139 14.35 7.40 -10.78
N LYS B 140 13.25 7.15 -11.49
CA LYS B 140 12.20 6.25 -11.05
C LYS B 140 11.79 5.43 -12.26
N PHE B 141 11.44 4.17 -12.02
CA PHE B 141 11.00 3.29 -13.09
C PHE B 141 9.55 2.91 -12.86
N MET B 142 8.67 3.62 -13.55
CA MET B 142 7.23 3.45 -13.40
C MET B 142 6.57 2.13 -13.80
N CYS B 143 7.27 1.02 -13.67
CA CYS B 143 6.68 -0.26 -14.06
C CYS B 143 7.60 -1.43 -13.75
N ASN B 144 7.07 -2.48 -13.13
CA ASN B 144 7.88 -3.66 -12.80
C ASN B 144 8.46 -4.22 -14.09
N SER B 145 9.63 -4.86 -13.98
CA SER B 145 10.25 -5.42 -15.18
C SER B 145 9.61 -6.76 -15.51
N SER B 146 8.27 -6.77 -15.56
CA SER B 146 7.51 -7.98 -15.87
C SER B 146 6.01 -7.69 -15.97
N CYS B 147 5.64 -6.42 -16.14
CA CYS B 147 4.24 -6.09 -16.30
C CYS B 147 3.89 -6.73 -17.66
N MET B 148 2.73 -7.39 -17.76
CA MET B 148 2.36 -7.99 -19.04
C MET B 148 1.76 -6.97 -19.97
N GLY B 149 2.13 -7.06 -21.24
CA GLY B 149 1.63 -6.09 -22.19
C GLY B 149 2.60 -4.95 -22.00
N GLY B 150 3.74 -5.29 -21.40
CA GLY B 150 4.77 -4.32 -21.14
C GLY B 150 6.10 -5.02 -21.37
N MET B 151 7.11 -4.63 -20.62
CA MET B 151 8.41 -5.26 -20.79
C MET B 151 8.15 -6.76 -20.81
N ASN B 152 7.13 -7.18 -20.07
CA ASN B 152 6.74 -8.58 -20.03
C ASN B 152 7.92 -9.49 -19.70
N ARG B 153 8.52 -9.29 -18.54
CA ARG B 153 9.65 -10.11 -18.09
C ARG B 153 10.95 -9.99 -18.89
N ARG B 154 11.02 -9.02 -19.79
CA ARG B 154 12.22 -8.84 -20.60
C ARG B 154 13.20 -7.88 -19.97
N PRO B 155 14.46 -8.31 -19.76
CA PRO B 155 15.51 -7.48 -19.17
C PRO B 155 15.78 -6.27 -20.05
N ILE B 156 15.96 -5.11 -19.45
CA ILE B 156 16.25 -3.90 -20.20
C ILE B 156 17.60 -3.36 -19.76
N LEU B 157 18.11 -2.42 -20.53
CA LEU B 157 19.40 -1.80 -20.27
C LEU B 157 19.18 -0.31 -20.32
N VAL B 158 19.58 0.43 -19.29
CA VAL B 158 19.41 1.87 -19.33
C VAL B 158 20.70 2.49 -19.83
N ILE B 159 20.65 3.33 -20.85
CA ILE B 159 21.90 3.92 -21.35
C ILE B 159 22.00 5.40 -21.01
N ILE B 160 22.81 5.74 -20.01
CA ILE B 160 22.95 7.14 -19.68
C ILE B 160 23.90 7.66 -20.72
N THR B 161 23.64 8.86 -21.19
CA THR B 161 24.48 9.42 -22.22
C THR B 161 24.72 10.89 -21.91
N LEU B 162 25.88 11.41 -22.29
CA LEU B 162 26.18 12.80 -22.03
C LEU B 162 26.20 13.49 -23.39
N GLU B 163 25.21 14.34 -23.64
CA GLU B 163 25.17 15.05 -24.92
C GLU B 163 25.42 16.52 -24.70
N ASP B 164 25.78 17.23 -25.76
CA ASP B 164 26.05 18.66 -25.64
C ASP B 164 24.88 19.54 -26.05
N SER B 165 25.10 20.85 -26.03
CA SER B 165 24.10 21.85 -26.39
C SER B 165 23.46 21.48 -27.70
N SER B 166 24.30 21.19 -28.69
CA SER B 166 23.80 20.81 -29.99
C SER B 166 23.73 19.28 -30.00
N GLY B 167 23.22 18.73 -28.90
CA GLY B 167 23.05 17.30 -28.74
C GLY B 167 24.07 16.28 -29.29
N ASN B 168 25.33 16.67 -29.44
CA ASN B 168 26.31 15.72 -29.94
C ASN B 168 26.79 14.83 -28.81
N LEU B 169 27.13 13.59 -29.18
CA LEU B 169 27.61 12.66 -28.19
C LEU B 169 28.86 13.24 -27.53
N LEU B 170 28.97 13.11 -26.21
CA LEU B 170 30.16 13.58 -25.52
C LEU B 170 30.78 12.45 -24.75
N GLY B 171 29.93 11.56 -24.24
CA GLY B 171 30.39 10.41 -23.50
C GLY B 171 29.19 9.52 -23.29
N ARG B 172 29.36 8.29 -22.84
CA ARG B 172 28.19 7.44 -22.60
C ARG B 172 28.53 6.22 -21.79
N ASP B 173 27.59 5.78 -20.99
CA ASP B 173 27.80 4.61 -20.16
C ASP B 173 26.47 3.94 -19.98
N SER B 174 26.43 2.77 -19.36
CA SER B 174 25.15 2.08 -19.18
C SER B 174 25.13 1.11 -18.02
N PHE B 175 23.94 0.60 -17.71
CA PHE B 175 23.80 -0.38 -16.64
C PHE B 175 22.52 -1.18 -16.80
N GLU B 176 22.41 -2.33 -16.14
CA GLU B 176 21.22 -3.16 -16.30
C GLU B 176 20.17 -2.90 -15.22
N VAL B 177 18.89 -3.01 -15.58
CA VAL B 177 17.84 -2.76 -14.61
C VAL B 177 16.86 -3.92 -14.46
N ARG B 178 16.15 -3.91 -13.35
CA ARG B 178 15.17 -4.93 -13.03
C ARG B 178 14.27 -4.29 -11.99
N VAL B 179 13.00 -4.15 -12.29
CA VAL B 179 12.09 -3.56 -11.33
C VAL B 179 11.35 -4.71 -10.64
N CYS B 180 11.59 -4.90 -9.35
CA CYS B 180 10.98 -5.99 -8.61
C CYS B 180 10.01 -5.66 -7.52
N ALA B 181 10.04 -6.52 -6.51
CA ALA B 181 9.19 -6.41 -5.34
C ALA B 181 10.03 -7.00 -4.21
N CYS B 182 11.27 -7.37 -4.55
CA CYS B 182 12.21 -7.95 -3.59
C CYS B 182 13.65 -7.77 -4.06
N PRO B 183 14.01 -6.56 -4.51
CA PRO B 183 15.38 -6.33 -4.98
C PRO B 183 16.41 -7.08 -4.16
N GLY B 184 16.17 -7.21 -2.86
CA GLY B 184 17.10 -7.93 -2.01
C GLY B 184 17.26 -9.35 -2.49
N ARG B 185 16.20 -10.12 -2.32
CA ARG B 185 16.14 -11.52 -2.72
C ARG B 185 16.63 -11.74 -4.16
N ASP B 186 15.86 -11.21 -5.11
CA ASP B 186 16.19 -11.35 -6.53
C ASP B 186 17.67 -11.14 -6.85
N ARG B 187 18.32 -10.19 -6.17
CA ARG B 187 19.74 -9.94 -6.43
C ARG B 187 20.58 -11.03 -5.83
N ARG B 188 20.22 -11.45 -4.61
CA ARG B 188 20.94 -12.50 -3.92
C ARG B 188 21.04 -13.67 -4.85
N THR B 189 19.90 -14.13 -5.33
CA THR B 189 19.83 -15.27 -6.24
C THR B 189 20.69 -15.08 -7.48
N GLU B 190 20.34 -14.08 -8.29
CA GLU B 190 21.08 -13.78 -9.50
C GLU B 190 22.55 -13.62 -9.27
N GLU B 191 22.93 -13.14 -8.10
CA GLU B 191 24.35 -12.95 -7.83
C GLU B 191 24.92 -14.29 -7.43
N GLU B 192 24.09 -15.08 -6.76
CA GLU B 192 24.48 -16.41 -6.32
C GLU B 192 24.70 -17.35 -7.50
N ASN B 193 23.82 -17.31 -8.48
CA ASN B 193 23.94 -18.19 -9.64
C ASN B 193 25.17 -17.90 -10.49
N LEU B 194 25.93 -16.88 -10.12
CA LEU B 194 27.12 -16.54 -10.87
C LEU B 194 28.24 -17.04 -10.00
N ARG B 195 28.04 -16.84 -8.71
CA ARG B 195 28.97 -17.21 -7.66
C ARG B 195 28.93 -18.73 -7.57
N LYS B 196 28.69 -19.36 -8.71
CA LYS B 196 28.62 -20.81 -8.79
C LYS B 196 28.90 -21.24 -10.23
N LYS B 197 28.36 -20.47 -11.18
CA LYS B 197 28.52 -20.76 -12.60
C LYS B 197 29.97 -20.66 -13.06
N LYS B 198 30.79 -19.96 -12.29
CA LYS B 198 32.19 -19.81 -12.67
C LYS B 198 33.15 -20.51 -11.72
N THR B 199 34.30 -20.88 -12.24
CA THR B 199 35.32 -21.57 -11.48
C THR B 199 36.62 -20.77 -11.60
N MET B 200 36.72 -20.03 -12.70
CA MET B 200 37.89 -19.20 -13.01
C MET B 200 39.21 -19.97 -13.11
N ASP B 201 40.28 -19.25 -13.37
CA ASP B 201 41.59 -19.87 -13.53
C ASP B 201 42.68 -19.08 -12.82
N GLY B 202 43.35 -19.73 -11.86
CA GLY B 202 44.40 -19.03 -11.15
C GLY B 202 44.76 -19.49 -9.74
N GLU B 203 45.62 -18.70 -9.10
CA GLU B 203 46.07 -18.98 -7.75
C GLU B 203 45.41 -17.96 -6.83
N TYR B 204 44.56 -18.45 -5.93
CA TYR B 204 43.85 -17.57 -5.01
C TYR B 204 44.28 -17.67 -3.55
N PHE B 205 44.63 -16.54 -2.96
CA PHE B 205 45.03 -16.47 -1.56
C PHE B 205 43.77 -16.50 -0.72
N THR B 206 43.86 -16.98 0.52
CA THR B 206 42.70 -17.08 1.38
C THR B 206 42.71 -16.11 2.55
N LEU B 207 41.64 -15.33 2.67
CA LEU B 207 41.51 -14.34 3.74
C LEU B 207 40.25 -14.53 4.57
N GLN B 208 40.41 -14.85 5.85
CA GLN B 208 39.26 -15.06 6.72
C GLN B 208 38.72 -13.69 7.15
N ILE B 209 37.40 -13.60 7.36
CA ILE B 209 36.77 -12.34 7.75
C ILE B 209 35.77 -12.56 8.90
N ARG B 210 35.50 -11.50 9.68
CA ARG B 210 34.56 -11.60 10.80
C ARG B 210 33.35 -10.71 10.61
N GLY B 211 32.18 -11.32 10.49
CA GLY B 211 30.96 -10.56 10.32
C GLY B 211 30.32 -10.72 8.96
N ARG B 212 29.07 -11.18 8.93
CA ARG B 212 28.37 -11.36 7.67
C ARG B 212 28.30 -10.08 6.87
N GLU B 213 27.70 -9.04 7.43
CA GLU B 213 27.57 -7.76 6.72
C GLU B 213 28.92 -7.24 6.23
N ARG B 214 29.96 -7.35 7.06
CA ARG B 214 31.30 -6.89 6.67
C ARG B 214 31.87 -7.74 5.54
N PHE B 215 31.72 -9.05 5.69
CA PHE B 215 32.21 -9.98 4.70
C PHE B 215 31.54 -9.67 3.38
N GLU B 216 30.21 -9.60 3.39
CA GLU B 216 29.46 -9.30 2.18
C GLU B 216 30.04 -8.04 1.54
N GLN B 217 30.49 -7.11 2.38
CA GLN B 217 31.05 -5.86 1.90
C GLN B 217 32.35 -6.07 1.14
N PHE B 218 33.25 -6.90 1.67
CA PHE B 218 34.50 -7.16 0.98
C PHE B 218 34.15 -7.91 -0.29
N ARG B 219 33.38 -8.97 -0.11
CA ARG B 219 33.01 -9.80 -1.24
C ARG B 219 32.61 -8.94 -2.40
N GLU B 220 31.86 -7.87 -2.13
CA GLU B 220 31.43 -6.97 -3.18
C GLU B 220 32.66 -6.27 -3.77
N ARG B 221 33.43 -5.62 -2.91
CA ARG B 221 34.63 -4.92 -3.35
C ARG B 221 35.43 -5.84 -4.23
N ASN B 222 35.45 -7.13 -3.89
CA ASN B 222 36.23 -8.11 -4.64
C ASN B 222 35.62 -8.61 -5.94
N GLU B 223 34.30 -8.71 -6.01
CA GLU B 223 33.64 -9.16 -7.24
C GLU B 223 33.72 -8.04 -8.29
N ALA B 224 33.66 -6.81 -7.81
CA ALA B 224 33.74 -5.63 -8.67
C ALA B 224 35.08 -5.59 -9.40
N LEU B 225 36.15 -5.97 -8.70
CA LEU B 225 37.48 -5.99 -9.27
C LEU B 225 37.57 -7.16 -10.22
N GLU B 226 36.91 -8.25 -9.88
CA GLU B 226 36.95 -9.43 -10.72
C GLU B 226 36.18 -9.19 -12.01
N LEU B 227 35.74 -7.97 -12.19
CA LEU B 227 35.02 -7.58 -13.39
C LEU B 227 35.94 -6.60 -14.09
N LYS B 228 36.77 -5.91 -13.29
CA LYS B 228 37.73 -4.94 -13.80
C LYS B 228 38.91 -5.67 -14.45
N ASP B 229 38.72 -6.97 -14.71
CA ASP B 229 39.75 -7.80 -15.35
C ASP B 229 39.09 -8.83 -16.25
N ALA B 230 37.84 -8.58 -16.60
CA ALA B 230 37.08 -9.46 -17.47
C ALA B 230 36.76 -8.72 -18.77
N GLN B 231 35.87 -7.74 -18.67
CA GLN B 231 35.47 -6.94 -19.82
C GLN B 231 36.38 -5.71 -19.92
N SER C 1 -24.51 -0.39 -6.50
CA SER C 1 -25.52 -1.43 -6.15
C SER C 1 -24.93 -2.80 -6.47
N VAL C 2 -25.07 -3.74 -5.54
CA VAL C 2 -24.56 -5.09 -5.67
C VAL C 2 -25.70 -6.11 -5.82
N PRO C 3 -25.97 -6.58 -7.05
CA PRO C 3 -27.05 -7.54 -7.27
C PRO C 3 -27.04 -8.74 -6.30
N SER C 4 -28.23 -9.24 -6.00
CA SER C 4 -28.37 -10.35 -5.07
C SER C 4 -27.73 -11.62 -5.57
N GLN C 5 -27.39 -12.49 -4.64
CA GLN C 5 -26.78 -13.76 -4.98
C GLN C 5 -27.55 -14.83 -4.21
N LYS C 6 -28.71 -14.45 -3.69
CA LYS C 6 -29.52 -15.37 -2.93
C LYS C 6 -30.17 -16.42 -3.80
N THR C 7 -29.89 -17.69 -3.50
CA THR C 7 -30.47 -18.79 -4.26
C THR C 7 -31.97 -18.65 -4.18
N TYR C 8 -32.66 -18.98 -5.26
CA TYR C 8 -34.12 -18.88 -5.29
C TYR C 8 -34.63 -19.70 -6.45
N GLN C 9 -35.11 -20.91 -6.16
CA GLN C 9 -35.60 -21.81 -7.21
C GLN C 9 -36.83 -21.33 -7.96
N GLY C 10 -37.58 -20.40 -7.37
CA GLY C 10 -38.78 -19.91 -8.03
C GLY C 10 -39.81 -21.01 -8.26
N SER C 11 -40.87 -20.68 -9.00
CA SER C 11 -41.92 -21.65 -9.25
C SER C 11 -41.60 -22.68 -10.33
N TYR C 12 -40.39 -22.61 -10.87
CA TYR C 12 -39.99 -23.56 -11.91
C TYR C 12 -38.87 -24.45 -11.42
N GLY C 13 -38.57 -24.37 -10.12
CA GLY C 13 -37.52 -25.19 -9.55
C GLY C 13 -36.24 -25.09 -10.36
N PHE C 14 -35.80 -23.86 -10.60
CA PHE C 14 -34.58 -23.59 -11.37
C PHE C 14 -33.34 -23.80 -10.53
N ARG C 15 -32.37 -24.50 -11.07
CA ARG C 15 -31.13 -24.75 -10.35
C ARG C 15 -30.02 -25.17 -11.31
N LEU C 16 -28.77 -25.10 -10.88
CA LEU C 16 -27.67 -25.44 -11.77
C LEU C 16 -27.08 -26.82 -11.53
N GLY C 17 -26.35 -27.33 -12.52
CA GLY C 17 -25.71 -28.63 -12.40
C GLY C 17 -24.46 -28.71 -13.26
N PHE C 18 -23.41 -29.35 -12.75
CA PHE C 18 -22.17 -29.45 -13.52
C PHE C 18 -21.75 -30.89 -13.81
N LEU C 19 -20.66 -31.04 -14.56
CA LEU C 19 -20.13 -32.36 -14.93
C LEU C 19 -18.78 -32.63 -14.24
N HIS C 20 -18.30 -33.87 -14.36
CA HIS C 20 -17.03 -34.26 -13.76
C HIS C 20 -15.81 -33.88 -14.60
N SER C 21 -14.61 -34.10 -14.05
CA SER C 21 -13.37 -33.78 -14.74
C SER C 21 -12.31 -34.86 -14.59
N GLY C 22 -11.89 -35.43 -15.72
CA GLY C 22 -10.87 -36.47 -15.70
C GLY C 22 -10.79 -37.24 -17.00
N THR C 23 -11.35 -36.68 -18.08
CA THR C 23 -11.31 -37.34 -19.38
C THR C 23 -10.60 -36.51 -20.45
N ALA C 24 -11.36 -36.01 -21.42
CA ALA C 24 -10.79 -35.20 -22.51
C ALA C 24 -10.37 -33.79 -22.08
N LYS C 25 -11.17 -32.79 -22.45
CA LYS C 25 -10.88 -31.40 -22.12
C LYS C 25 -11.24 -31.10 -20.67
N SER C 26 -11.10 -32.09 -19.80
CA SER C 26 -11.43 -31.95 -18.39
C SER C 26 -10.44 -31.17 -17.50
N VAL C 27 -9.16 -31.51 -17.59
CA VAL C 27 -8.15 -30.84 -16.78
C VAL C 27 -8.15 -29.34 -17.07
N THR C 28 -8.78 -28.96 -18.18
CA THR C 28 -8.87 -27.56 -18.57
C THR C 28 -10.22 -27.03 -18.12
N CYS C 29 -10.76 -27.61 -17.05
CA CYS C 29 -12.06 -27.22 -16.52
C CYS C 29 -12.55 -28.28 -15.56
N THR C 30 -12.46 -28.04 -14.26
CA THR C 30 -12.90 -29.01 -13.28
C THR C 30 -13.82 -28.36 -12.27
N TYR C 31 -14.77 -29.13 -11.75
CA TYR C 31 -15.73 -28.63 -10.75
C TYR C 31 -15.64 -29.43 -9.45
N SER C 32 -15.56 -28.72 -8.33
CA SER C 32 -15.48 -29.38 -7.05
C SER C 32 -16.68 -28.98 -6.19
N PRO C 33 -17.64 -29.90 -6.03
CA PRO C 33 -18.88 -29.75 -5.26
C PRO C 33 -18.66 -29.33 -3.83
N ALA C 34 -17.63 -29.91 -3.21
CA ALA C 34 -17.31 -29.59 -1.82
C ALA C 34 -17.16 -28.09 -1.67
N LEU C 35 -16.73 -27.44 -2.75
CA LEU C 35 -16.53 -25.99 -2.73
C LEU C 35 -17.58 -25.27 -3.56
N ASN C 36 -18.29 -26.01 -4.40
CA ASN C 36 -19.29 -25.43 -5.30
C ASN C 36 -18.53 -24.40 -6.11
N LYS C 37 -17.32 -24.78 -6.51
CA LYS C 37 -16.44 -23.90 -7.26
C LYS C 37 -15.94 -24.55 -8.54
N MET C 38 -15.91 -23.75 -9.59
CA MET C 38 -15.48 -24.20 -10.91
C MET C 38 -14.09 -23.67 -11.21
N PHE C 39 -13.11 -24.57 -11.37
CA PHE C 39 -11.75 -24.15 -11.69
C PHE C 39 -11.60 -24.29 -13.20
N VAL C 40 -11.17 -23.23 -13.88
CA VAL C 40 -11.04 -23.29 -15.33
C VAL C 40 -9.98 -22.38 -15.93
N GLN C 41 -9.43 -22.80 -17.07
CA GLN C 41 -8.38 -22.04 -17.76
C GLN C 41 -8.87 -20.87 -18.57
N LEU C 42 -8.06 -19.82 -18.63
CA LEU C 42 -8.41 -18.63 -19.38
C LEU C 42 -8.87 -18.94 -20.79
N ALA C 43 -9.98 -18.35 -21.19
CA ALA C 43 -10.53 -18.54 -22.53
C ALA C 43 -11.03 -19.95 -22.91
N LYS C 44 -10.89 -20.93 -22.01
CA LYS C 44 -11.38 -22.25 -22.33
C LYS C 44 -12.86 -22.34 -21.99
N THR C 45 -13.55 -23.27 -22.64
CA THR C 45 -14.99 -23.46 -22.44
C THR C 45 -15.41 -24.15 -21.15
N VAL C 46 -16.47 -23.64 -20.55
CA VAL C 46 -17.02 -24.23 -19.33
C VAL C 46 -18.49 -24.47 -19.60
N PRO C 47 -18.94 -25.72 -19.51
CA PRO C 47 -20.34 -26.08 -19.75
C PRO C 47 -21.18 -26.09 -18.47
N VAL C 48 -22.41 -25.60 -18.56
CA VAL C 48 -23.29 -25.56 -17.40
C VAL C 48 -24.70 -26.05 -17.71
N GLN C 49 -25.26 -26.86 -16.80
CA GLN C 49 -26.60 -27.40 -16.97
C GLN C 49 -27.70 -26.64 -16.24
N LEU C 50 -28.76 -26.30 -16.97
CA LEU C 50 -29.91 -25.59 -16.41
C LEU C 50 -31.05 -26.56 -16.20
N TYR C 51 -31.42 -26.78 -14.94
CA TYR C 51 -32.52 -27.70 -14.61
C TYR C 51 -33.72 -26.89 -14.20
N VAL C 52 -34.91 -27.33 -14.60
CA VAL C 52 -36.14 -26.65 -14.24
C VAL C 52 -37.28 -27.67 -14.20
N ASP C 53 -38.09 -27.59 -13.14
CA ASP C 53 -39.21 -28.50 -12.94
C ASP C 53 -40.21 -28.45 -14.08
N SER C 54 -41.03 -27.41 -14.08
CA SER C 54 -42.05 -27.23 -15.11
C SER C 54 -41.33 -26.64 -16.31
N THR C 55 -42.05 -25.86 -17.11
CA THR C 55 -41.43 -25.25 -18.28
C THR C 55 -41.68 -23.76 -18.35
N PRO C 56 -40.61 -22.98 -18.41
CA PRO C 56 -40.66 -21.51 -18.49
C PRO C 56 -41.57 -21.01 -19.60
N PRO C 57 -42.28 -19.90 -19.33
CA PRO C 57 -43.19 -19.29 -20.31
C PRO C 57 -42.41 -18.67 -21.46
N PRO C 58 -43.09 -18.43 -22.59
CA PRO C 58 -42.54 -17.83 -23.81
C PRO C 58 -41.89 -16.47 -23.59
N GLY C 59 -40.64 -16.33 -24.03
CA GLY C 59 -39.93 -15.07 -23.86
C GLY C 59 -38.92 -15.09 -22.72
N THR C 60 -38.89 -16.20 -22.01
CA THR C 60 -38.01 -16.41 -20.87
C THR C 60 -36.56 -16.32 -21.32
N ARG C 61 -35.69 -15.73 -20.49
CA ARG C 61 -34.27 -15.60 -20.81
C ARG C 61 -33.40 -16.08 -19.66
N VAL C 62 -32.11 -16.25 -19.95
CA VAL C 62 -31.15 -16.69 -18.94
C VAL C 62 -29.98 -15.73 -18.95
N ARG C 63 -29.64 -15.18 -17.78
CA ARG C 63 -28.55 -14.22 -17.68
C ARG C 63 -27.41 -14.71 -16.79
N ALA C 64 -26.20 -14.24 -17.06
CA ALA C 64 -25.04 -14.61 -16.26
C ALA C 64 -24.26 -13.35 -15.91
N MET C 65 -23.96 -13.16 -14.64
CA MET C 65 -23.21 -11.99 -14.19
C MET C 65 -22.21 -12.36 -13.08
N ALA C 66 -21.18 -11.52 -12.93
CA ALA C 66 -20.16 -11.78 -11.90
C ALA C 66 -20.07 -10.64 -10.87
N ILE C 67 -19.88 -11.02 -9.61
CA ILE C 67 -19.72 -10.05 -8.54
C ILE C 67 -18.53 -10.56 -7.74
N TYR C 68 -17.85 -9.69 -7.00
CA TYR C 68 -16.72 -10.20 -6.24
C TYR C 68 -17.30 -10.94 -5.03
N LYS C 69 -16.56 -11.90 -4.50
CA LYS C 69 -17.07 -12.70 -3.39
C LYS C 69 -16.89 -11.95 -2.08
N GLN C 70 -15.66 -11.49 -1.83
CA GLN C 70 -15.34 -10.77 -0.60
C GLN C 70 -16.15 -9.48 -0.50
N SER C 71 -16.58 -9.17 0.71
CA SER C 71 -17.40 -7.99 0.96
C SER C 71 -16.72 -6.65 0.66
N GLN C 72 -15.44 -6.50 0.96
CA GLN C 72 -14.83 -5.20 0.69
C GLN C 72 -14.72 -4.93 -0.80
N HIS C 73 -15.10 -5.91 -1.61
CA HIS C 73 -15.01 -5.75 -3.06
C HIS C 73 -16.31 -5.82 -3.87
N MET C 74 -17.38 -6.34 -3.29
CA MET C 74 -18.65 -6.47 -3.99
C MET C 74 -19.01 -5.26 -4.81
N THR C 75 -19.15 -4.13 -4.15
CA THR C 75 -19.51 -2.90 -4.84
C THR C 75 -18.66 -2.62 -6.08
N GLU C 76 -17.55 -3.31 -6.26
CA GLU C 76 -16.70 -3.06 -7.43
C GLU C 76 -17.09 -3.90 -8.64
N VAL C 77 -17.43 -3.22 -9.75
CA VAL C 77 -17.80 -3.90 -10.97
C VAL C 77 -16.66 -4.81 -11.39
N VAL C 78 -16.98 -6.00 -11.89
CA VAL C 78 -15.95 -6.94 -12.32
C VAL C 78 -15.59 -6.69 -13.77
N ARG C 79 -14.59 -5.88 -14.02
CA ARG C 79 -14.19 -5.59 -15.39
C ARG C 79 -13.15 -6.56 -15.89
N ARG C 80 -12.65 -6.33 -17.09
CA ARG C 80 -11.63 -7.18 -17.65
C ARG C 80 -10.33 -6.41 -17.55
N CYS C 81 -9.23 -7.09 -17.29
CA CYS C 81 -7.94 -6.40 -17.15
C CYS C 81 -7.67 -5.56 -18.40
N PRO C 82 -6.93 -4.45 -18.25
CA PRO C 82 -6.60 -3.55 -19.35
C PRO C 82 -5.76 -4.18 -20.45
N HIS C 83 -4.81 -5.02 -20.08
CA HIS C 83 -3.96 -5.67 -21.06
C HIS C 83 -4.79 -6.42 -22.08
N HIS C 84 -5.72 -7.22 -21.59
CA HIS C 84 -6.60 -8.03 -22.42
C HIS C 84 -7.72 -7.26 -23.10
N GLU C 85 -8.22 -6.22 -22.44
CA GLU C 85 -9.28 -5.44 -23.04
C GLU C 85 -8.84 -4.99 -24.42
N ARG C 86 -7.55 -5.06 -24.69
CA ARG C 86 -7.02 -4.66 -25.99
C ARG C 86 -6.42 -5.85 -26.74
N SER C 87 -7.29 -6.73 -27.23
CA SER C 87 -6.87 -7.91 -27.97
C SER C 87 -7.94 -8.32 -28.97
N SER C 88 -7.52 -8.97 -30.06
CA SER C 88 -8.42 -9.42 -31.11
C SER C 88 -9.22 -10.65 -30.70
N ASP C 89 -9.05 -11.08 -29.46
CA ASP C 89 -9.74 -12.26 -28.95
C ASP C 89 -11.22 -11.99 -28.72
N SER C 90 -11.92 -11.66 -29.80
CA SER C 90 -13.35 -11.37 -29.73
C SER C 90 -14.04 -11.84 -31.01
N ASP C 91 -15.02 -12.72 -30.83
CA ASP C 91 -15.79 -13.27 -31.94
C ASP C 91 -16.43 -12.15 -32.74
N GLY C 92 -16.57 -10.99 -32.11
CA GLY C 92 -17.16 -9.85 -32.77
C GLY C 92 -18.49 -9.46 -32.14
N LEU C 93 -19.26 -10.46 -31.74
CA LEU C 93 -20.55 -10.23 -31.12
C LEU C 93 -20.41 -9.74 -29.68
N ALA C 94 -19.25 -9.98 -29.08
CA ALA C 94 -19.05 -9.59 -27.69
C ALA C 94 -17.97 -8.56 -27.40
N PRO C 95 -18.33 -7.46 -26.73
CA PRO C 95 -17.42 -6.38 -26.35
C PRO C 95 -16.18 -6.91 -25.66
N PRO C 96 -15.05 -6.20 -25.79
CA PRO C 96 -13.79 -6.62 -25.18
C PRO C 96 -13.69 -6.49 -23.68
N GLN C 97 -14.50 -5.62 -23.07
CA GLN C 97 -14.44 -5.45 -21.63
C GLN C 97 -15.08 -6.60 -20.87
N HIS C 98 -16.17 -7.13 -21.40
CA HIS C 98 -16.90 -8.23 -20.78
C HIS C 98 -16.02 -9.43 -20.44
N LEU C 99 -16.11 -9.88 -19.18
CA LEU C 99 -15.35 -11.05 -18.73
C LEU C 99 -15.98 -12.33 -19.20
N ILE C 100 -17.27 -12.49 -18.92
CA ILE C 100 -18.02 -13.69 -19.32
C ILE C 100 -18.52 -13.64 -20.74
N ARG C 101 -18.46 -14.78 -21.42
CA ARG C 101 -18.94 -14.90 -22.79
C ARG C 101 -19.65 -16.22 -22.99
N VAL C 102 -20.74 -16.21 -23.76
CA VAL C 102 -21.46 -17.45 -24.05
C VAL C 102 -20.79 -17.98 -25.31
N GLU C 103 -20.51 -19.28 -25.35
CA GLU C 103 -19.85 -19.83 -26.52
C GLU C 103 -20.81 -20.62 -27.37
N GLY C 104 -20.88 -20.28 -28.65
CA GLY C 104 -21.74 -21.01 -29.56
C GLY C 104 -23.21 -20.62 -29.59
N ASN C 105 -23.49 -19.33 -29.60
CA ASN C 105 -24.88 -18.87 -29.64
C ASN C 105 -25.00 -17.43 -30.12
N LEU C 106 -25.22 -17.25 -31.42
CA LEU C 106 -25.35 -15.92 -32.01
C LEU C 106 -26.66 -15.23 -31.59
N ARG C 107 -27.39 -15.89 -30.69
CA ARG C 107 -28.65 -15.33 -30.21
C ARG C 107 -28.41 -14.62 -28.87
N ALA C 108 -27.19 -14.80 -28.36
CA ALA C 108 -26.74 -14.20 -27.11
C ALA C 108 -26.62 -12.70 -27.24
N GLU C 109 -26.90 -11.99 -26.15
CA GLU C 109 -26.86 -10.54 -26.12
C GLU C 109 -26.09 -10.06 -24.89
N TYR C 110 -25.13 -9.15 -25.11
CA TYR C 110 -24.31 -8.61 -24.01
C TYR C 110 -24.81 -7.26 -23.54
N LEU C 111 -24.81 -7.05 -22.23
CA LEU C 111 -25.27 -5.77 -21.69
C LEU C 111 -24.28 -5.07 -20.77
N ASP C 112 -24.20 -3.76 -20.93
CA ASP C 112 -23.34 -2.91 -20.12
C ASP C 112 -24.29 -1.86 -19.54
N ASP C 113 -25.06 -2.29 -18.55
CA ASP C 113 -26.06 -1.46 -17.87
C ASP C 113 -25.68 0.00 -17.68
N PRO C 114 -26.63 0.90 -17.92
CA PRO C 114 -26.43 2.35 -17.78
C PRO C 114 -26.43 2.83 -16.34
N ASN C 115 -27.16 2.12 -15.49
CA ASN C 115 -27.25 2.48 -14.09
C ASN C 115 -26.29 1.67 -13.22
N THR C 116 -26.60 0.39 -12.99
CA THR C 116 -25.72 -0.44 -12.17
C THR C 116 -24.28 -0.46 -12.69
N PHE C 117 -24.11 -0.18 -13.98
CA PHE C 117 -22.77 -0.19 -14.58
C PHE C 117 -22.15 -1.59 -14.53
N ARG C 118 -23.01 -2.58 -14.33
CA ARG C 118 -22.59 -3.97 -14.25
C ARG C 118 -22.59 -4.57 -15.64
N HIS C 119 -21.78 -5.62 -15.81
CA HIS C 119 -21.66 -6.35 -17.08
C HIS C 119 -22.42 -7.65 -17.00
N SER C 120 -23.21 -7.95 -18.03
CA SER C 120 -23.98 -9.20 -18.07
C SER C 120 -24.21 -9.74 -19.49
N VAL C 121 -24.65 -11.00 -19.59
CA VAL C 121 -24.93 -11.63 -20.87
C VAL C 121 -26.24 -12.41 -20.77
N VAL C 122 -27.08 -12.32 -21.79
CA VAL C 122 -28.36 -13.03 -21.77
C VAL C 122 -28.65 -13.82 -23.03
N VAL C 123 -29.37 -14.92 -22.89
CA VAL C 123 -29.76 -15.73 -24.03
C VAL C 123 -31.16 -16.23 -23.82
N PRO C 124 -31.93 -16.41 -24.90
CA PRO C 124 -33.30 -16.89 -24.79
C PRO C 124 -33.28 -18.30 -24.22
N TYR C 125 -34.20 -18.60 -23.32
CA TYR C 125 -34.25 -19.93 -22.74
C TYR C 125 -34.60 -20.96 -23.81
N GLU C 126 -33.93 -22.09 -23.78
CA GLU C 126 -34.20 -23.17 -24.72
C GLU C 126 -34.49 -24.44 -23.93
N PRO C 127 -35.53 -25.20 -24.33
CA PRO C 127 -35.94 -26.45 -23.70
C PRO C 127 -34.91 -27.54 -23.86
N PRO C 128 -34.89 -28.51 -22.93
CA PRO C 128 -33.92 -29.60 -23.02
C PRO C 128 -34.08 -30.36 -24.33
N GLU C 129 -33.01 -31.01 -24.79
CA GLU C 129 -33.13 -31.78 -26.00
C GLU C 129 -33.72 -33.13 -25.58
N VAL C 130 -34.68 -33.62 -26.35
CA VAL C 130 -35.33 -34.90 -26.04
C VAL C 130 -34.29 -35.90 -25.59
N GLY C 131 -34.49 -36.44 -24.40
CA GLY C 131 -33.54 -37.41 -23.88
C GLY C 131 -33.07 -36.98 -22.51
N SER C 132 -32.36 -35.85 -22.46
CA SER C 132 -31.86 -35.31 -21.20
C SER C 132 -32.89 -34.34 -20.64
N ASP C 133 -32.85 -34.11 -19.34
CA ASP C 133 -33.78 -33.20 -18.68
C ASP C 133 -33.10 -31.91 -18.22
N TYR C 134 -32.28 -31.35 -19.09
CA TYR C 134 -31.55 -30.12 -18.79
C TYR C 134 -31.10 -29.44 -20.06
N THR C 135 -30.82 -28.14 -19.97
CA THR C 135 -30.35 -27.36 -21.10
C THR C 135 -28.94 -26.89 -20.80
N THR C 136 -27.95 -27.54 -21.41
CA THR C 136 -26.56 -27.17 -21.22
C THR C 136 -26.26 -25.82 -21.91
N ILE C 137 -25.36 -25.06 -21.31
CA ILE C 137 -24.98 -23.75 -21.82
C ILE C 137 -23.47 -23.62 -21.74
N TYR C 138 -22.84 -22.94 -22.69
CA TYR C 138 -21.37 -22.80 -22.68
C TYR C 138 -20.87 -21.38 -22.38
N PHE C 139 -19.95 -21.28 -21.42
CA PHE C 139 -19.39 -20.01 -21.03
C PHE C 139 -17.87 -19.98 -21.21
N LYS C 140 -17.34 -18.78 -21.44
CA LYS C 140 -15.89 -18.58 -21.55
C LYS C 140 -15.48 -17.32 -20.78
N PHE C 141 -14.46 -17.43 -19.92
CA PHE C 141 -14.01 -16.28 -19.15
C PHE C 141 -12.72 -15.70 -19.75
N MET C 142 -12.76 -14.43 -20.11
CA MET C 142 -11.64 -13.80 -20.77
C MET C 142 -10.49 -13.10 -20.04
N CYS C 143 -10.26 -13.46 -18.78
CA CYS C 143 -9.15 -12.89 -17.99
C CYS C 143 -8.89 -13.86 -16.84
N ASN C 144 -7.63 -13.99 -16.45
CA ASN C 144 -7.29 -14.90 -15.35
C ASN C 144 -7.67 -14.34 -13.99
N SER C 145 -8.13 -15.20 -13.10
CA SER C 145 -8.52 -14.74 -11.80
C SER C 145 -7.25 -14.38 -11.07
N SER C 146 -6.54 -13.38 -11.60
CA SER C 146 -5.29 -12.88 -11.02
C SER C 146 -4.61 -11.88 -11.95
N CYS C 147 -5.36 -11.33 -12.89
CA CYS C 147 -4.77 -10.36 -13.79
C CYS C 147 -4.77 -9.01 -13.08
N MET C 148 -3.67 -8.26 -13.15
CA MET C 148 -3.64 -6.95 -12.51
C MET C 148 -4.38 -5.92 -13.38
N GLY C 149 -5.23 -5.12 -12.74
CA GLY C 149 -6.00 -4.15 -13.48
C GLY C 149 -7.36 -4.81 -13.63
N GLY C 150 -7.35 -6.13 -13.46
CA GLY C 150 -8.57 -6.91 -13.55
C GLY C 150 -9.00 -7.39 -12.19
N MET C 151 -9.65 -8.55 -12.13
CA MET C 151 -10.12 -9.10 -10.87
C MET C 151 -9.06 -8.99 -9.78
N ASN C 152 -7.80 -9.13 -10.19
CA ASN C 152 -6.68 -9.01 -9.27
C ASN C 152 -6.66 -10.04 -8.15
N ARG C 153 -6.89 -11.30 -8.49
CA ARG C 153 -6.84 -12.34 -7.48
C ARG C 153 -8.02 -12.33 -6.53
N ARG C 154 -8.94 -11.39 -6.71
CA ARG C 154 -10.12 -11.33 -5.86
C ARG C 154 -11.10 -12.40 -6.34
N PRO C 155 -11.49 -13.33 -5.45
CA PRO C 155 -12.43 -14.39 -5.86
C PRO C 155 -13.75 -13.79 -6.36
N ILE C 156 -14.27 -14.34 -7.44
CA ILE C 156 -15.49 -13.84 -8.04
C ILE C 156 -16.60 -14.88 -7.92
N LEU C 157 -17.83 -14.46 -8.19
CA LEU C 157 -18.99 -15.33 -8.09
C LEU C 157 -19.87 -15.13 -9.31
N VAL C 158 -20.30 -16.20 -9.96
CA VAL C 158 -21.16 -16.06 -11.13
C VAL C 158 -22.60 -16.34 -10.74
N ILE C 159 -23.48 -15.38 -11.03
CA ILE C 159 -24.90 -15.53 -10.67
C ILE C 159 -25.74 -15.80 -11.93
N ILE C 160 -26.21 -17.03 -12.10
CA ILE C 160 -27.04 -17.32 -13.25
C ILE C 160 -28.43 -17.05 -12.80
N THR C 161 -29.22 -16.40 -13.65
CA THR C 161 -30.58 -16.08 -13.29
C THR C 161 -31.59 -16.26 -14.44
N LEU C 162 -32.79 -16.67 -14.07
CA LEU C 162 -33.87 -16.92 -15.01
C LEU C 162 -34.86 -15.79 -14.92
N GLU C 163 -34.85 -14.90 -15.91
CA GLU C 163 -35.77 -13.77 -15.94
C GLU C 163 -36.80 -13.91 -17.06
N ASP C 164 -37.94 -13.26 -16.88
CA ASP C 164 -39.01 -13.31 -17.87
C ASP C 164 -38.77 -12.29 -18.99
N SER C 165 -39.68 -12.25 -19.96
CA SER C 165 -39.55 -11.33 -21.09
C SER C 165 -39.34 -9.90 -20.65
N SER C 166 -40.02 -9.51 -19.57
CA SER C 166 -39.94 -8.16 -19.05
C SER C 166 -38.68 -7.94 -18.22
N GLY C 167 -38.11 -9.02 -17.74
CA GLY C 167 -36.89 -8.91 -16.95
C GLY C 167 -37.05 -9.36 -15.51
N ASN C 168 -38.30 -9.49 -15.06
CA ASN C 168 -38.60 -9.91 -13.69
C ASN C 168 -37.90 -11.21 -13.34
N LEU C 169 -37.52 -11.34 -12.07
CA LEU C 169 -36.84 -12.55 -11.60
C LEU C 169 -37.80 -13.73 -11.60
N LEU C 170 -37.27 -14.93 -11.87
CA LEU C 170 -38.07 -16.15 -11.87
C LEU C 170 -37.32 -17.28 -11.20
N GLY C 171 -36.02 -17.08 -10.99
CA GLY C 171 -35.23 -18.11 -10.38
C GLY C 171 -33.80 -17.65 -10.45
N ARG C 172 -33.00 -18.03 -9.45
CA ARG C 172 -31.61 -17.62 -9.43
C ARG C 172 -30.74 -18.69 -8.77
N ASP C 173 -29.46 -18.69 -9.13
CA ASP C 173 -28.54 -19.64 -8.59
C ASP C 173 -27.15 -19.10 -8.84
N SER C 174 -26.14 -19.71 -8.23
CA SER C 174 -24.78 -19.21 -8.41
C SER C 174 -23.70 -20.20 -8.02
N PHE C 175 -22.47 -19.91 -8.43
CA PHE C 175 -21.33 -20.76 -8.13
C PHE C 175 -20.04 -19.96 -8.23
N GLU C 176 -19.01 -20.41 -7.51
CA GLU C 176 -17.73 -19.73 -7.51
C GLU C 176 -16.87 -20.25 -8.67
N VAL C 177 -16.14 -19.34 -9.30
CA VAL C 177 -15.29 -19.66 -10.45
C VAL C 177 -13.93 -19.04 -10.24
N ARG C 178 -12.88 -19.80 -10.52
CA ARG C 178 -11.52 -19.28 -10.41
C ARG C 178 -10.84 -19.51 -11.74
N VAL C 179 -10.47 -18.43 -12.43
CA VAL C 179 -9.78 -18.62 -13.70
C VAL C 179 -8.30 -18.71 -13.40
N CYS C 180 -7.60 -19.67 -13.99
CA CYS C 180 -6.18 -19.80 -13.75
C CYS C 180 -5.45 -20.50 -14.88
N ALA C 181 -4.31 -21.09 -14.56
CA ALA C 181 -3.52 -21.80 -15.56
C ALA C 181 -3.31 -23.27 -15.21
N CYS C 182 -3.77 -23.67 -14.03
CA CYS C 182 -3.63 -25.05 -13.59
C CYS C 182 -4.83 -25.43 -12.73
N PRO C 183 -6.01 -25.57 -13.35
CA PRO C 183 -7.24 -25.92 -12.67
C PRO C 183 -7.09 -27.11 -11.74
N GLY C 184 -6.61 -28.23 -12.29
CA GLY C 184 -6.42 -29.42 -11.49
C GLY C 184 -5.67 -29.13 -10.21
N ARG C 185 -4.48 -28.55 -10.35
CA ARG C 185 -3.64 -28.21 -9.22
C ARG C 185 -4.40 -27.37 -8.21
N ASP C 186 -4.75 -26.16 -8.62
CA ASP C 186 -5.48 -25.25 -7.75
C ASP C 186 -6.67 -25.89 -7.07
N ARG C 187 -7.35 -26.81 -7.75
CA ARG C 187 -8.49 -27.45 -7.13
C ARG C 187 -8.03 -28.36 -6.00
N ARG C 188 -7.07 -29.23 -6.29
CA ARG C 188 -6.54 -30.14 -5.27
C ARG C 188 -6.12 -29.30 -4.07
N THR C 189 -5.18 -28.40 -4.30
CA THR C 189 -4.67 -27.52 -3.27
C THR C 189 -5.80 -27.03 -2.38
N GLU C 190 -6.78 -26.38 -2.98
CA GLU C 190 -7.90 -25.85 -2.22
C GLU C 190 -8.76 -26.93 -1.56
N GLU C 191 -8.87 -28.08 -2.21
CA GLU C 191 -9.63 -29.18 -1.62
C GLU C 191 -8.80 -29.77 -0.49
N GLU C 192 -7.53 -29.38 -0.45
CA GLU C 192 -6.59 -29.86 0.57
C GLU C 192 -6.62 -28.95 1.79
N ASN C 193 -6.55 -27.65 1.55
CA ASN C 193 -6.58 -26.71 2.66
C ASN C 193 -7.91 -26.80 3.38
N LEU C 194 -8.84 -27.54 2.79
CA LEU C 194 -10.15 -27.73 3.40
C LEU C 194 -10.06 -29.04 4.18
N ARG C 195 -9.51 -30.06 3.53
CA ARG C 195 -9.32 -31.37 4.14
C ARG C 195 -8.23 -31.26 5.20
N LYS C 196 -7.89 -30.02 5.56
CA LYS C 196 -6.86 -29.73 6.54
C LYS C 196 -7.40 -28.64 7.48
N LYS C 197 -8.67 -28.29 7.29
CA LYS C 197 -9.32 -27.28 8.12
C LYS C 197 -10.26 -27.98 9.08
N LYS C 198 -10.38 -29.29 8.91
CA LYS C 198 -11.24 -30.10 9.77
C LYS C 198 -10.45 -31.06 10.66
N THR C 199 -9.38 -31.63 10.10
CA THR C 199 -8.53 -32.56 10.84
C THR C 199 -7.50 -31.82 11.70
N MET C 200 -6.80 -30.87 11.09
CA MET C 200 -5.79 -30.08 11.78
C MET C 200 -6.39 -29.45 13.04
N ASP C 201 -7.67 -29.11 12.98
CA ASP C 201 -8.38 -28.50 14.10
C ASP C 201 -9.33 -29.52 14.75
N GLY C 202 -9.04 -29.88 16.00
CA GLY C 202 -9.88 -30.85 16.69
C GLY C 202 -10.25 -30.50 18.13
N GLU C 203 -9.47 -29.63 18.76
CA GLU C 203 -9.70 -29.20 20.14
C GLU C 203 -11.17 -28.88 20.43
N TYR C 204 -11.63 -29.18 21.65
CA TYR C 204 -13.01 -28.91 22.04
C TYR C 204 -13.14 -27.67 22.91
N PHE C 205 -14.32 -27.04 22.87
CA PHE C 205 -14.60 -25.85 23.66
C PHE C 205 -16.01 -25.94 24.22
N THR C 206 -16.21 -25.43 25.44
CA THR C 206 -17.53 -25.48 26.07
C THR C 206 -18.26 -24.13 25.99
N LEU C 207 -19.52 -24.13 26.39
CA LEU C 207 -20.33 -22.93 26.34
C LEU C 207 -21.44 -22.98 27.40
N GLN C 208 -21.60 -21.89 28.12
CA GLN C 208 -22.63 -21.79 29.16
C GLN C 208 -23.91 -21.21 28.54
N ILE C 209 -25.01 -21.96 28.64
CA ILE C 209 -26.28 -21.53 28.05
C ILE C 209 -27.48 -21.54 29.02
N ARG C 210 -27.75 -20.40 29.66
CA ARG C 210 -28.87 -20.32 30.61
C ARG C 210 -30.22 -20.41 29.88
N GLY C 211 -31.18 -21.04 30.53
CA GLY C 211 -32.49 -21.20 29.93
C GLY C 211 -32.80 -22.65 29.59
N ARG C 212 -33.70 -23.25 30.36
CA ARG C 212 -34.09 -24.64 30.15
C ARG C 212 -34.56 -24.85 28.71
N GLU C 213 -35.48 -23.99 28.27
CA GLU C 213 -36.02 -24.06 26.92
C GLU C 213 -35.03 -23.68 25.83
N ARG C 214 -34.03 -22.88 26.20
CA ARG C 214 -33.00 -22.44 25.26
C ARG C 214 -31.93 -23.50 25.06
N PHE C 215 -31.64 -24.25 26.12
CA PHE C 215 -30.64 -25.30 26.05
C PHE C 215 -31.09 -26.37 25.05
N GLU C 216 -32.36 -26.73 25.11
CA GLU C 216 -32.89 -27.73 24.20
C GLU C 216 -32.88 -27.23 22.76
N GLN C 217 -32.77 -25.92 22.58
CA GLN C 217 -32.73 -25.33 21.24
C GLN C 217 -31.32 -25.44 20.67
N PHE C 218 -30.33 -25.35 21.56
CA PHE C 218 -28.92 -25.46 21.17
C PHE C 218 -28.52 -26.94 21.18
N ARG C 219 -29.23 -27.73 21.97
CA ARG C 219 -28.98 -29.16 22.08
C ARG C 219 -29.34 -29.79 20.74
N GLU C 220 -30.62 -29.71 20.39
CA GLU C 220 -31.13 -30.26 19.14
C GLU C 220 -30.43 -29.63 17.94
N ARG C 221 -29.73 -28.51 18.20
CA ARG C 221 -29.00 -27.78 17.17
C ARG C 221 -27.63 -28.42 16.97
N ASN C 222 -26.94 -28.67 18.09
CA ASN C 222 -25.62 -29.27 18.05
C ASN C 222 -25.72 -30.80 17.94
N GLU C 223 -26.85 -31.34 18.39
CA GLU C 223 -27.09 -32.78 18.31
C GLU C 223 -27.34 -33.12 16.84
N ALA C 224 -27.44 -32.07 16.03
CA ALA C 224 -27.68 -32.22 14.59
C ALA C 224 -26.35 -32.31 13.84
N LEU C 225 -25.38 -31.51 14.26
CA LEU C 225 -24.06 -31.51 13.63
C LEU C 225 -23.25 -32.75 14.02
N GLU C 226 -23.68 -33.42 15.09
CA GLU C 226 -23.00 -34.63 15.55
C GLU C 226 -23.27 -35.78 14.59
N LEU C 227 -24.36 -35.66 13.85
CA LEU C 227 -24.76 -36.68 12.88
C LEU C 227 -24.08 -36.41 11.54
N LYS C 228 -24.41 -35.26 10.94
CA LYS C 228 -23.84 -34.86 9.66
C LYS C 228 -22.40 -34.38 9.83
N ASP C 229 -21.52 -35.30 10.22
CA ASP C 229 -20.11 -34.95 10.42
C ASP C 229 -19.24 -36.21 10.45
N ALA C 230 -19.55 -37.10 11.39
CA ALA C 230 -18.80 -38.35 11.54
C ALA C 230 -18.97 -39.24 10.32
N GLN C 231 -19.96 -38.92 9.50
CA GLN C 231 -20.24 -39.68 8.28
C GLN C 231 -19.38 -39.20 7.12
N SER D 1 -28.03 22.50 18.52
CA SER D 1 -28.78 21.25 18.81
C SER D 1 -27.87 20.03 18.77
N VAL D 2 -28.39 18.90 19.23
CA VAL D 2 -27.64 17.65 19.26
C VAL D 2 -28.52 16.46 18.86
N PRO D 3 -28.00 15.54 18.03
CA PRO D 3 -28.71 14.35 17.56
C PRO D 3 -28.90 13.27 18.63
N SER D 4 -30.10 12.66 18.65
CA SER D 4 -30.44 11.63 19.64
C SER D 4 -30.18 10.21 19.19
N GLN D 5 -29.58 9.42 20.07
CA GLN D 5 -29.29 8.02 19.76
C GLN D 5 -30.41 7.14 20.32
N LYS D 6 -31.63 7.66 20.30
CA LYS D 6 -32.78 6.94 20.80
C LYS D 6 -33.16 5.83 19.81
N THR D 7 -33.19 4.60 20.30
CA THR D 7 -33.51 3.43 19.49
C THR D 7 -34.96 3.43 19.03
N TYR D 8 -35.26 4.27 18.05
CA TYR D 8 -36.61 4.40 17.50
C TYR D 8 -36.79 3.60 16.21
N GLN D 9 -37.31 2.38 16.33
CA GLN D 9 -37.54 1.50 15.18
C GLN D 9 -38.38 2.20 14.11
N GLY D 10 -39.46 2.85 14.56
CA GLY D 10 -40.35 3.53 13.64
C GLY D 10 -41.63 2.74 13.60
N SER D 11 -42.46 2.98 12.58
CA SER D 11 -43.72 2.26 12.45
C SER D 11 -43.62 1.20 11.34
N TYR D 12 -42.41 1.00 10.82
CA TYR D 12 -42.17 0.04 9.75
C TYR D 12 -41.28 -1.13 10.19
N GLY D 13 -40.17 -0.82 10.86
CA GLY D 13 -39.26 -1.87 11.31
C GLY D 13 -37.79 -1.58 11.04
N PHE D 14 -37.48 -0.31 10.78
CA PHE D 14 -36.12 0.13 10.48
C PHE D 14 -35.11 -0.35 11.53
N ARG D 15 -34.59 -1.57 11.35
CA ARG D 15 -33.62 -2.10 12.30
C ARG D 15 -32.23 -2.25 11.65
N LEU D 16 -31.38 -3.11 12.21
CA LEU D 16 -30.03 -3.33 11.67
C LEU D 16 -29.59 -4.79 11.75
N GLY D 17 -28.87 -5.24 10.73
CA GLY D 17 -28.38 -6.60 10.71
C GLY D 17 -26.94 -6.58 10.21
N PHE D 18 -26.11 -7.48 10.72
CA PHE D 18 -24.71 -7.51 10.29
C PHE D 18 -24.20 -8.93 10.04
N LEU D 19 -23.36 -9.08 9.01
CA LEU D 19 -22.82 -10.39 8.61
C LEU D 19 -21.95 -11.14 9.64
N HIS D 20 -22.31 -12.40 9.88
CA HIS D 20 -21.60 -13.25 10.84
C HIS D 20 -20.32 -13.82 10.23
N SER D 21 -19.18 -13.33 10.70
CA SER D 21 -17.89 -13.78 10.18
C SER D 21 -16.80 -13.93 11.24
N GLY D 22 -15.69 -14.55 10.84
CA GLY D 22 -14.58 -14.74 11.75
C GLY D 22 -14.01 -13.42 12.25
N THR D 23 -13.05 -13.50 13.16
CA THR D 23 -12.42 -12.32 13.72
C THR D 23 -10.90 -12.49 13.77
N ALA D 24 -10.37 -13.25 12.82
CA ALA D 24 -8.93 -13.47 12.75
C ALA D 24 -8.26 -12.13 12.47
N LYS D 25 -6.94 -12.10 12.47
CA LYS D 25 -6.20 -10.87 12.20
C LYS D 25 -5.78 -10.89 10.73
N SER D 26 -6.71 -10.49 9.87
CA SER D 26 -6.49 -10.47 8.43
C SER D 26 -7.75 -9.98 7.71
N VAL D 27 -8.81 -9.73 8.48
CA VAL D 27 -10.08 -9.27 7.94
C VAL D 27 -10.21 -7.76 8.05
N THR D 28 -11.07 -7.19 7.22
CA THR D 28 -11.28 -5.75 7.19
C THR D 28 -12.49 -5.30 7.98
N CYS D 29 -13.41 -6.22 8.23
CA CYS D 29 -14.62 -5.93 9.00
C CYS D 29 -14.90 -7.01 10.02
N THR D 30 -15.70 -6.66 11.02
CA THR D 30 -16.06 -7.58 12.07
C THR D 30 -16.93 -6.81 13.04
N TYR D 31 -18.14 -7.31 13.25
CA TYR D 31 -19.11 -6.66 14.11
C TYR D 31 -19.02 -7.05 15.59
N SER D 32 -19.47 -6.13 16.44
CA SER D 32 -19.48 -6.35 17.88
C SER D 32 -20.87 -6.81 18.27
N PRO D 33 -21.09 -8.13 18.36
CA PRO D 33 -22.42 -8.61 18.74
C PRO D 33 -22.83 -7.92 20.04
N ALA D 34 -21.94 -8.00 21.02
CA ALA D 34 -22.16 -7.40 22.33
C ALA D 34 -22.29 -5.89 22.27
N LEU D 35 -21.16 -5.20 22.19
CA LEU D 35 -21.15 -3.74 22.16
C LEU D 35 -21.81 -3.02 20.98
N ASN D 36 -22.41 -3.75 20.05
CA ASN D 36 -23.05 -3.12 18.90
C ASN D 36 -22.05 -2.13 18.29
N LYS D 37 -20.79 -2.54 18.32
CA LYS D 37 -19.70 -1.72 17.80
C LYS D 37 -19.17 -2.37 16.52
N MET D 38 -18.50 -1.56 15.70
CA MET D 38 -17.94 -2.06 14.45
C MET D 38 -16.44 -1.92 14.51
N PHE D 39 -15.75 -2.74 13.71
CA PHE D 39 -14.30 -2.69 13.66
C PHE D 39 -13.82 -2.81 12.22
N VAL D 40 -14.17 -1.82 11.41
CA VAL D 40 -13.77 -1.81 10.02
C VAL D 40 -12.49 -0.99 9.88
N GLN D 41 -11.66 -1.34 8.90
CA GLN D 41 -10.43 -0.62 8.70
C GLN D 41 -10.64 0.72 8.02
N LEU D 42 -9.53 1.41 7.79
CA LEU D 42 -9.53 2.71 7.15
C LEU D 42 -9.95 2.64 5.68
N ALA D 43 -11.09 3.25 5.38
CA ALA D 43 -11.60 3.30 4.01
C ALA D 43 -12.14 1.98 3.45
N LYS D 44 -12.26 0.95 4.28
CA LYS D 44 -12.78 -0.31 3.79
C LYS D 44 -14.31 -0.30 3.74
N THR D 45 -14.90 -1.34 3.18
CA THR D 45 -16.35 -1.41 3.07
C THR D 45 -17.01 -1.89 4.35
N VAL D 46 -18.16 -1.31 4.67
CA VAL D 46 -18.92 -1.68 5.85
C VAL D 46 -20.35 -2.04 5.43
N PRO D 47 -20.68 -3.34 5.48
CA PRO D 47 -22.00 -3.84 5.11
C PRO D 47 -23.06 -3.66 6.20
N VAL D 48 -23.97 -2.72 5.99
CA VAL D 48 -25.03 -2.45 6.96
C VAL D 48 -26.36 -2.95 6.36
N GLN D 49 -27.05 -3.82 7.09
CA GLN D 49 -28.33 -4.37 6.65
C GLN D 49 -29.51 -3.57 7.21
N LEU D 50 -30.67 -3.67 6.57
CA LEU D 50 -31.85 -2.95 7.02
C LEU D 50 -33.14 -3.76 6.87
N TYR D 51 -33.53 -4.50 7.92
CA TYR D 51 -34.77 -5.27 7.88
C TYR D 51 -35.98 -4.35 8.06
N VAL D 52 -37.19 -4.89 7.90
CA VAL D 52 -38.41 -4.09 8.04
C VAL D 52 -39.67 -4.98 8.07
N ASP D 53 -40.85 -4.37 8.00
CA ASP D 53 -42.14 -5.08 8.00
C ASP D 53 -43.06 -4.63 6.86
N SER D 54 -43.30 -3.33 6.80
CA SER D 54 -44.13 -2.72 5.78
C SER D 54 -43.27 -1.75 4.99
N THR D 55 -43.46 -1.72 3.68
CA THR D 55 -42.66 -0.84 2.84
C THR D 55 -43.08 0.62 3.00
N PRO D 56 -42.14 1.49 3.40
CA PRO D 56 -42.46 2.91 3.56
C PRO D 56 -42.89 3.50 2.22
N PRO D 57 -43.62 4.62 2.25
CA PRO D 57 -44.10 5.29 1.04
C PRO D 57 -42.97 5.66 0.08
N PRO D 58 -43.25 5.65 -1.24
CA PRO D 58 -42.28 5.98 -2.28
C PRO D 58 -41.55 7.30 -2.08
N GLY D 59 -40.44 7.27 -1.36
CA GLY D 59 -39.66 8.48 -1.11
C GLY D 59 -38.73 8.40 0.08
N THR D 60 -39.05 7.54 1.04
CA THR D 60 -38.23 7.38 2.25
C THR D 60 -36.75 7.30 1.92
N ARG D 61 -35.95 8.10 2.60
CA ARG D 61 -34.51 8.13 2.39
C ARG D 61 -33.78 7.64 3.64
N VAL D 62 -32.52 7.26 3.48
CA VAL D 62 -31.75 6.82 4.63
C VAL D 62 -30.61 7.82 4.79
N ARG D 63 -30.13 7.99 6.01
CA ARG D 63 -29.08 8.96 6.26
C ARG D 63 -28.07 8.47 7.27
N ALA D 64 -26.85 9.01 7.16
CA ALA D 64 -25.78 8.65 8.07
C ALA D 64 -25.13 9.92 8.62
N MET D 65 -24.99 9.98 9.94
CA MET D 65 -24.40 11.12 10.63
C MET D 65 -23.69 10.57 11.86
N ALA D 66 -22.44 10.95 12.06
CA ALA D 66 -21.66 10.46 13.19
C ALA D 66 -21.68 11.38 14.42
N ILE D 67 -21.41 10.78 15.58
CA ILE D 67 -21.38 11.50 16.84
C ILE D 67 -20.41 10.83 17.80
N TYR D 68 -19.70 11.62 18.60
CA TYR D 68 -18.77 11.04 19.55
C TYR D 68 -19.62 10.56 20.73
N LYS D 69 -19.46 9.29 21.11
CA LYS D 69 -20.24 8.72 22.21
C LYS D 69 -19.90 9.32 23.57
N GLN D 70 -18.64 9.74 23.76
CA GLN D 70 -18.23 10.33 25.04
C GLN D 70 -18.97 11.62 25.33
N SER D 71 -19.62 11.64 26.49
CA SER D 71 -20.37 12.80 26.93
C SER D 71 -19.59 14.10 26.79
N GLN D 72 -18.34 14.09 27.22
CA GLN D 72 -17.51 15.28 27.15
C GLN D 72 -17.53 15.96 25.78
N HIS D 73 -17.23 15.22 24.72
CA HIS D 73 -17.22 15.80 23.38
C HIS D 73 -18.44 15.42 22.52
N MET D 74 -19.44 14.83 23.16
CA MET D 74 -20.67 14.41 22.48
C MET D 74 -21.44 15.58 21.88
N THR D 75 -20.76 16.70 21.67
CA THR D 75 -21.39 17.89 21.11
C THR D 75 -20.52 18.53 20.03
N GLU D 76 -19.45 17.84 19.64
CA GLU D 76 -18.51 18.35 18.64
C GLU D 76 -18.65 17.65 17.28
N VAL D 77 -18.56 18.44 16.20
CA VAL D 77 -18.67 17.91 14.84
C VAL D 77 -17.62 16.86 14.53
N VAL D 78 -18.04 15.76 13.89
CA VAL D 78 -17.13 14.67 13.53
C VAL D 78 -16.53 14.84 12.14
N ARG D 79 -15.37 15.49 12.06
CA ARG D 79 -14.70 15.74 10.77
C ARG D 79 -13.50 14.83 10.49
N ARG D 80 -12.59 15.35 9.66
CA ARG D 80 -11.37 14.65 9.27
C ARG D 80 -10.13 15.51 9.52
N CYS D 81 -9.01 14.87 9.85
CA CYS D 81 -7.76 15.59 10.08
C CYS D 81 -7.39 16.29 8.77
N PRO D 82 -6.66 17.41 8.85
CA PRO D 82 -6.27 18.13 7.64
C PRO D 82 -5.40 17.29 6.69
N HIS D 83 -4.84 16.20 7.21
CA HIS D 83 -4.00 15.31 6.40
C HIS D 83 -4.84 14.69 5.30
N HIS D 84 -5.64 13.71 5.69
CA HIS D 84 -6.51 13.02 4.75
C HIS D 84 -7.50 14.02 4.15
N GLU D 85 -7.84 15.07 4.90
CA GLU D 85 -8.78 16.09 4.42
C GLU D 85 -8.20 16.81 3.20
N ARG D 86 -6.89 16.69 3.03
CA ARG D 86 -6.17 17.32 1.91
C ARG D 86 -5.87 16.25 0.85
N SER D 87 -6.54 15.11 0.96
CA SER D 87 -6.34 13.99 0.05
C SER D 87 -7.60 13.61 -0.75
N SER D 88 -7.46 13.53 -2.07
CA SER D 88 -8.55 13.17 -2.96
C SER D 88 -8.23 11.88 -3.71
N ASP D 89 -9.16 10.92 -3.66
CA ASP D 89 -8.98 9.63 -4.30
C ASP D 89 -9.99 9.39 -5.44
N SER D 90 -10.21 8.11 -5.76
CA SER D 90 -11.15 7.73 -6.81
C SER D 90 -12.57 7.95 -6.30
N ASP D 91 -12.98 9.22 -6.29
CA ASP D 91 -14.31 9.60 -5.83
C ASP D 91 -14.51 11.11 -6.02
N GLY D 92 -14.82 11.50 -7.25
CA GLY D 92 -15.05 12.90 -7.55
C GLY D 92 -16.51 13.27 -7.40
N LEU D 93 -17.16 12.67 -6.41
CA LEU D 93 -18.56 12.92 -6.12
C LEU D 93 -18.82 12.64 -4.64
N ALA D 94 -17.98 13.23 -3.79
CA ALA D 94 -18.08 13.06 -2.34
C ALA D 94 -17.02 13.89 -1.63
N PRO D 95 -17.41 15.07 -1.10
CA PRO D 95 -16.53 16.01 -0.38
C PRO D 95 -15.49 15.38 0.55
N PRO D 96 -14.28 15.95 0.58
CA PRO D 96 -13.17 15.48 1.41
C PRO D 96 -13.29 15.75 2.91
N GLN D 97 -14.23 16.61 3.30
CA GLN D 97 -14.40 16.92 4.71
C GLN D 97 -15.27 15.90 5.45
N HIS D 98 -16.22 15.29 4.74
CA HIS D 98 -17.13 14.30 5.33
C HIS D 98 -16.44 13.00 5.75
N LEU D 99 -16.88 12.45 6.90
CA LEU D 99 -16.31 11.22 7.42
C LEU D 99 -16.88 9.96 6.77
N ILE D 100 -18.21 9.84 6.78
CA ILE D 100 -18.87 8.67 6.21
C ILE D 100 -19.36 8.83 4.75
N ARG D 101 -19.18 7.78 3.96
CA ARG D 101 -19.59 7.78 2.57
C ARG D 101 -20.29 6.46 2.26
N VAL D 102 -20.99 6.42 1.13
CA VAL D 102 -21.66 5.20 0.69
C VAL D 102 -20.98 4.78 -0.59
N GLU D 103 -20.79 3.49 -0.77
CA GLU D 103 -20.13 3.00 -1.96
C GLU D 103 -21.14 2.69 -3.04
N GLY D 104 -20.74 2.90 -4.29
CA GLY D 104 -21.64 2.64 -5.40
C GLY D 104 -23.06 3.04 -5.10
N ASN D 105 -23.42 4.26 -5.46
CA ASN D 105 -24.76 4.78 -5.25
C ASN D 105 -24.78 6.24 -5.71
N LEU D 106 -24.74 6.44 -7.02
CA LEU D 106 -24.73 7.77 -7.62
C LEU D 106 -25.97 8.56 -7.22
N ARG D 107 -26.91 7.89 -6.54
CA ARG D 107 -28.13 8.55 -6.09
C ARG D 107 -27.86 9.20 -4.73
N ALA D 108 -26.67 8.99 -4.20
CA ALA D 108 -26.26 9.53 -2.92
C ALA D 108 -26.20 11.05 -2.85
N GLU D 109 -26.16 11.56 -1.62
CA GLU D 109 -26.09 13.00 -1.37
C GLU D 109 -25.43 13.25 -0.02
N TYR D 110 -24.43 14.14 -0.02
CA TYR D 110 -23.68 14.51 1.18
C TYR D 110 -23.97 15.99 1.49
N LEU D 111 -24.51 16.27 2.68
CA LEU D 111 -24.81 17.66 3.01
C LEU D 111 -24.48 18.07 4.44
N ASP D 112 -24.24 19.36 4.61
CA ASP D 112 -23.91 19.94 5.90
C ASP D 112 -25.01 20.96 6.21
N ASP D 113 -25.90 20.61 7.12
CA ASP D 113 -27.00 21.48 7.49
C ASP D 113 -26.51 22.90 7.76
N PRO D 114 -27.05 23.88 7.01
CA PRO D 114 -26.66 25.28 7.16
C PRO D 114 -26.90 25.82 8.56
N ASN D 115 -27.46 24.96 9.42
CA ASN D 115 -27.77 25.34 10.80
C ASN D 115 -26.87 24.62 11.79
N THR D 116 -26.54 23.36 11.53
CA THR D 116 -25.69 22.57 12.43
C THR D 116 -24.32 22.25 11.83
N PHE D 117 -24.15 22.51 10.54
CA PHE D 117 -22.88 22.23 9.88
C PHE D 117 -22.53 20.77 10.12
N ARG D 118 -23.56 19.92 10.18
CA ARG D 118 -23.40 18.50 10.42
C ARG D 118 -23.14 17.72 9.14
N HIS D 119 -22.21 16.78 9.23
CA HIS D 119 -21.87 15.94 8.08
C HIS D 119 -22.81 14.75 8.00
N SER D 120 -23.66 14.77 6.99
CA SER D 120 -24.63 13.70 6.79
C SER D 120 -24.73 13.28 5.33
N VAL D 121 -25.13 12.04 5.11
CA VAL D 121 -25.27 11.52 3.75
C VAL D 121 -26.64 10.84 3.65
N VAL D 122 -27.36 11.11 2.56
CA VAL D 122 -28.68 10.54 2.36
C VAL D 122 -28.83 9.84 1.00
N VAL D 123 -29.02 8.53 1.05
CA VAL D 123 -29.16 7.70 -0.14
C VAL D 123 -30.56 7.09 -0.24
N PRO D 124 -31.16 7.13 -1.44
CA PRO D 124 -32.51 6.59 -1.67
C PRO D 124 -32.68 5.18 -1.10
N TYR D 125 -33.90 4.86 -0.66
CA TYR D 125 -34.21 3.54 -0.09
C TYR D 125 -34.85 2.60 -1.13
N GLU D 126 -34.21 1.45 -1.35
CA GLU D 126 -34.69 0.45 -2.31
C GLU D 126 -35.24 -0.77 -1.55
N PRO D 127 -36.32 -1.40 -2.05
CA PRO D 127 -36.88 -2.57 -1.36
C PRO D 127 -36.18 -3.87 -1.75
N PRO D 128 -36.27 -4.91 -0.91
CA PRO D 128 -35.64 -6.21 -1.17
C PRO D 128 -36.13 -6.83 -2.49
N GLU D 129 -35.24 -7.54 -3.17
CA GLU D 129 -35.62 -8.18 -4.43
C GLU D 129 -36.50 -9.39 -4.15
N VAL D 130 -36.75 -10.19 -5.19
CA VAL D 130 -37.58 -11.38 -5.01
C VAL D 130 -36.75 -12.46 -4.33
N GLY D 131 -37.35 -13.11 -3.34
CA GLY D 131 -36.66 -14.17 -2.61
C GLY D 131 -36.03 -13.70 -1.30
N SER D 132 -35.10 -12.76 -1.40
CA SER D 132 -34.42 -12.21 -0.24
C SER D 132 -35.43 -11.47 0.64
N ASP D 133 -35.04 -11.12 1.86
CA ASP D 133 -35.94 -10.42 2.77
C ASP D 133 -35.30 -9.32 3.63
N TYR D 134 -34.50 -8.47 2.98
CA TYR D 134 -33.83 -7.35 3.64
C TYR D 134 -33.07 -6.50 2.62
N THR D 135 -32.24 -5.59 3.09
CA THR D 135 -31.46 -4.73 2.19
C THR D 135 -30.21 -4.23 2.89
N THR D 136 -29.10 -4.13 2.19
CA THR D 136 -27.90 -3.65 2.85
C THR D 136 -27.19 -2.55 2.09
N ILE D 137 -26.98 -1.42 2.75
CA ILE D 137 -26.26 -0.32 2.13
C ILE D 137 -24.79 -0.48 2.51
N TYR D 138 -23.91 -0.11 1.60
CA TYR D 138 -22.48 -0.24 1.83
C TYR D 138 -21.83 1.07 2.21
N PHE D 139 -21.48 1.19 3.50
CA PHE D 139 -20.85 2.38 4.04
C PHE D 139 -19.32 2.23 4.01
N LYS D 140 -18.63 3.36 3.93
CA LYS D 140 -17.17 3.38 3.90
C LYS D 140 -16.62 4.53 4.76
N PHE D 141 -16.00 4.19 5.89
CA PHE D 141 -15.44 5.20 6.80
C PHE D 141 -14.06 5.66 6.33
N MET D 142 -13.90 6.96 6.16
CA MET D 142 -12.64 7.50 5.66
C MET D 142 -11.66 8.13 6.66
N CYS D 143 -11.44 7.49 7.81
CA CYS D 143 -10.51 8.03 8.80
C CYS D 143 -10.43 7.14 10.04
N ASN D 144 -9.21 6.95 10.54
CA ASN D 144 -8.98 6.13 11.72
C ASN D 144 -9.63 6.74 12.95
N SER D 145 -10.09 5.87 13.84
CA SER D 145 -10.72 6.31 15.08
C SER D 145 -9.57 6.49 16.06
N SER D 146 -8.62 7.36 15.70
CA SER D 146 -7.45 7.64 16.53
C SER D 146 -6.46 8.56 15.82
N CYS D 147 -6.84 9.02 14.63
CA CYS D 147 -5.99 9.92 13.85
C CYS D 147 -5.78 11.22 14.64
N MET D 148 -4.54 11.67 14.77
CA MET D 148 -4.30 12.89 15.51
C MET D 148 -4.92 14.11 14.84
N GLY D 149 -5.53 14.97 15.64
CA GLY D 149 -6.14 16.18 15.11
C GLY D 149 -7.50 15.97 14.49
N GLY D 150 -8.31 15.12 15.13
CA GLY D 150 -9.63 14.86 14.61
C GLY D 150 -10.45 14.09 15.64
N MET D 151 -11.00 12.95 15.23
CA MET D 151 -11.79 12.13 16.13
C MET D 151 -10.94 11.91 17.38
N ASN D 152 -9.66 11.70 17.17
CA ASN D 152 -8.70 11.50 18.25
C ASN D 152 -9.14 10.55 19.36
N ARG D 153 -9.19 9.25 19.06
CA ARG D 153 -9.59 8.22 20.01
C ARG D 153 -10.98 8.35 20.61
N ARG D 154 -11.63 9.48 20.41
CA ARG D 154 -12.96 9.69 20.96
C ARG D 154 -13.92 8.70 20.31
N PRO D 155 -14.32 7.64 21.04
CA PRO D 155 -15.24 6.64 20.49
C PRO D 155 -16.43 7.27 19.77
N ILE D 156 -16.93 6.60 18.73
CA ILE D 156 -18.05 7.12 17.96
C ILE D 156 -19.26 6.19 17.85
N LEU D 157 -20.35 6.74 17.32
CA LEU D 157 -21.60 6.00 17.14
C LEU D 157 -22.31 6.50 15.89
N VAL D 158 -22.45 5.62 14.90
CA VAL D 158 -23.10 6.00 13.65
C VAL D 158 -24.61 6.02 13.86
N ILE D 159 -25.26 7.10 13.42
CA ILE D 159 -26.69 7.23 13.58
C ILE D 159 -27.40 7.07 12.25
N ILE D 160 -27.93 5.86 12.02
CA ILE D 160 -28.64 5.58 10.79
C ILE D 160 -30.13 5.83 10.99
N THR D 161 -30.63 6.86 10.33
CA THR D 161 -32.02 7.20 10.45
C THR D 161 -32.76 6.82 9.19
N LEU D 162 -34.09 6.84 9.29
CA LEU D 162 -34.97 6.54 8.17
C LEU D 162 -35.93 7.71 8.06
N GLU D 163 -35.42 8.84 7.56
CA GLU D 163 -36.24 10.05 7.41
C GLU D 163 -36.98 10.02 6.09
N ASP D 164 -38.27 10.29 6.14
CA ASP D 164 -39.10 10.28 4.93
C ASP D 164 -38.60 11.19 3.83
N SER D 165 -39.48 11.44 2.87
CA SER D 165 -39.19 12.27 1.70
C SER D 165 -38.96 13.75 2.02
N SER D 166 -39.46 14.17 3.19
CA SER D 166 -39.32 15.57 3.61
C SER D 166 -38.32 15.74 4.75
N GLY D 167 -37.34 14.84 4.82
CA GLY D 167 -36.32 14.92 5.86
C GLY D 167 -36.84 14.65 7.25
N ASN D 168 -38.15 14.54 7.39
CA ASN D 168 -38.77 14.27 8.68
C ASN D 168 -38.51 12.83 9.11
N LEU D 169 -38.50 12.59 10.41
CA LEU D 169 -38.24 11.27 10.96
C LEU D 169 -39.31 10.23 10.59
N LEU D 170 -38.86 8.98 10.44
CA LEU D 170 -39.73 7.85 10.11
C LEU D 170 -39.05 6.53 10.46
N GLY D 171 -37.95 6.63 11.21
CA GLY D 171 -37.20 5.44 11.61
C GLY D 171 -35.77 5.81 11.95
N ARG D 172 -35.11 5.02 12.80
CA ARG D 172 -33.73 5.31 13.19
C ARG D 172 -33.11 4.26 14.10
N ASP D 173 -31.79 4.12 14.00
CA ASP D 173 -31.02 3.18 14.81
C ASP D 173 -29.55 3.55 14.72
N SER D 174 -28.75 3.01 15.62
CA SER D 174 -27.33 3.33 15.63
C SER D 174 -26.42 2.18 16.05
N PHE D 175 -25.11 2.42 15.93
CA PHE D 175 -24.10 1.43 16.30
C PHE D 175 -22.73 2.10 16.39
N GLU D 176 -21.89 1.57 17.29
CA GLU D 176 -20.54 2.11 17.49
C GLU D 176 -19.58 1.63 16.41
N VAL D 177 -18.53 2.42 16.17
CA VAL D 177 -17.53 2.10 15.16
C VAL D 177 -16.13 2.38 15.69
N ARG D 178 -15.16 1.59 15.22
CA ARG D 178 -13.79 1.77 15.64
C ARG D 178 -12.87 1.58 14.46
N VAL D 179 -12.58 2.66 13.75
CA VAL D 179 -11.69 2.58 12.60
C VAL D 179 -10.28 2.31 13.11
N CYS D 180 -9.92 1.03 13.24
CA CYS D 180 -8.60 0.66 13.73
C CYS D 180 -7.75 0.02 12.62
N ALA D 181 -6.69 -0.69 13.02
CA ALA D 181 -5.80 -1.32 12.05
C ALA D 181 -5.96 -2.85 11.99
N CYS D 182 -6.09 -3.50 13.14
CA CYS D 182 -6.28 -4.95 13.16
C CYS D 182 -7.64 -5.28 13.74
N PRO D 183 -8.70 -5.02 12.97
CA PRO D 183 -10.08 -5.28 13.39
C PRO D 183 -10.25 -6.55 14.22
N GLY D 184 -9.54 -7.61 13.86
CA GLY D 184 -9.65 -8.84 14.61
C GLY D 184 -9.13 -8.58 16.02
N ARG D 185 -7.93 -8.00 16.08
CA ARG D 185 -7.28 -7.69 17.34
C ARG D 185 -8.19 -6.92 18.29
N ASP D 186 -8.42 -5.65 17.99
CA ASP D 186 -9.27 -4.80 18.81
C ASP D 186 -10.71 -5.28 18.84
N ARG D 187 -10.90 -6.59 18.77
CA ARG D 187 -12.21 -7.21 18.80
C ARG D 187 -12.03 -8.45 19.65
N ARG D 188 -10.86 -9.06 19.56
CA ARG D 188 -10.54 -10.23 20.36
C ARG D 188 -10.21 -9.67 21.73
N THR D 189 -9.50 -8.55 21.72
CA THR D 189 -9.05 -7.90 22.93
C THR D 189 -10.05 -6.92 23.54
N GLU D 190 -10.74 -6.14 22.72
CA GLU D 190 -11.70 -5.21 23.28
C GLU D 190 -12.98 -5.94 23.65
N GLU D 191 -12.92 -7.26 23.61
CA GLU D 191 -14.07 -8.10 23.95
C GLU D 191 -13.80 -8.85 25.26
N GLU D 192 -12.59 -9.37 25.41
CA GLU D 192 -12.22 -10.09 26.62
C GLU D 192 -12.42 -9.20 27.84
N ASN D 193 -12.32 -7.89 27.63
CA ASN D 193 -12.50 -6.92 28.72
C ASN D 193 -13.92 -6.97 29.27
N LEU D 194 -14.75 -7.80 28.64
CA LEU D 194 -16.13 -8.01 29.06
C LEU D 194 -16.30 -9.52 29.07
N ARG D 195 -15.33 -10.19 29.69
CA ARG D 195 -15.29 -11.64 29.78
C ARG D 195 -14.36 -12.00 30.94
N LYS D 196 -14.20 -11.04 31.85
CA LYS D 196 -13.34 -11.18 33.02
C LYS D 196 -13.53 -9.93 33.89
N LYS D 197 -14.30 -8.97 33.37
CA LYS D 197 -14.56 -7.72 34.08
C LYS D 197 -15.50 -7.95 35.27
N LYS D 198 -16.34 -8.97 35.17
CA LYS D 198 -17.29 -9.32 36.22
C LYS D 198 -17.52 -10.83 36.27
N THR D 199 -17.98 -11.33 37.42
CA THR D 199 -18.24 -12.76 37.61
C THR D 199 -19.74 -13.06 37.45
N MET D 200 -20.57 -12.18 38.00
CA MET D 200 -22.03 -12.32 37.92
C MET D 200 -22.55 -13.54 38.70
N ASP D 201 -23.85 -13.82 38.55
CA ASP D 201 -24.48 -14.94 39.24
C ASP D 201 -25.50 -15.62 38.33
N GLY D 202 -25.70 -16.92 38.55
CA GLY D 202 -26.66 -17.67 37.75
C GLY D 202 -26.21 -19.11 37.53
N GLU D 203 -27.15 -19.96 37.13
CA GLU D 203 -26.87 -21.37 36.89
C GLU D 203 -27.22 -21.78 35.46
N TYR D 204 -26.23 -21.73 34.57
CA TYR D 204 -26.42 -22.07 33.15
C TYR D 204 -26.66 -23.56 32.88
N PHE D 205 -26.35 -23.94 31.64
CA PHE D 205 -26.48 -25.32 31.15
C PHE D 205 -25.17 -25.69 30.44
N THR D 206 -24.63 -26.86 30.77
CA THR D 206 -23.38 -27.32 30.17
C THR D 206 -23.59 -27.82 28.74
N LEU D 207 -22.81 -27.29 27.80
CA LEU D 207 -22.92 -27.69 26.40
C LEU D 207 -21.65 -27.33 25.61
N GLN D 208 -20.80 -28.32 25.39
CA GLN D 208 -19.55 -28.15 24.64
C GLN D 208 -19.75 -28.44 23.15
N ILE D 209 -18.99 -27.76 22.30
CA ILE D 209 -19.10 -27.95 20.85
C ILE D 209 -17.79 -28.47 20.25
N ARG D 210 -17.55 -28.13 18.99
CA ARG D 210 -16.33 -28.51 18.27
C ARG D 210 -16.00 -27.43 17.22
N GLY D 211 -14.72 -27.34 16.86
CA GLY D 211 -14.30 -26.38 15.87
C GLY D 211 -13.61 -25.14 16.44
N ARG D 212 -12.75 -24.52 15.62
CA ARG D 212 -12.01 -23.33 16.03
C ARG D 212 -12.92 -22.11 15.79
N GLU D 213 -13.07 -21.71 14.53
CA GLU D 213 -13.94 -20.59 14.18
C GLU D 213 -15.37 -21.12 14.15
N ARG D 214 -15.52 -22.39 13.75
CA ARG D 214 -16.80 -23.06 13.68
C ARG D 214 -17.50 -22.79 15.01
N PHE D 215 -16.73 -22.93 16.09
CA PHE D 215 -17.21 -22.70 17.43
C PHE D 215 -17.02 -21.24 17.84
N GLU D 216 -15.94 -20.63 17.36
CA GLU D 216 -15.65 -19.24 17.68
C GLU D 216 -16.85 -18.38 17.29
N GLN D 217 -17.66 -18.91 16.38
CA GLN D 217 -18.86 -18.23 15.93
C GLN D 217 -20.02 -18.77 16.79
N PHE D 218 -19.85 -19.98 17.30
CA PHE D 218 -20.87 -20.62 18.12
C PHE D 218 -21.00 -19.97 19.49
N ARG D 219 -19.91 -19.94 20.26
CA ARG D 219 -19.95 -19.31 21.57
C ARG D 219 -20.26 -17.84 21.35
N GLU D 220 -19.88 -17.34 20.17
CA GLU D 220 -20.12 -15.95 19.78
C GLU D 220 -21.63 -15.84 19.60
N ARG D 221 -22.21 -16.87 18.98
CA ARG D 221 -23.65 -16.94 18.74
C ARG D 221 -24.31 -17.47 20.00
N ASN D 222 -24.03 -16.78 21.12
CA ASN D 222 -24.56 -17.14 22.42
C ASN D 222 -24.91 -15.83 23.13
N GLU D 223 -24.39 -14.73 22.58
CA GLU D 223 -24.63 -13.39 23.13
C GLU D 223 -26.05 -12.94 22.82
N ALA D 224 -26.43 -13.04 21.55
CA ALA D 224 -27.75 -12.65 21.09
C ALA D 224 -28.81 -13.61 21.63
N LEU D 225 -29.09 -13.52 22.93
CA LEU D 225 -30.06 -14.38 23.57
C LEU D 225 -30.71 -13.73 24.79
N GLU D 226 -30.01 -13.78 25.93
CA GLU D 226 -30.50 -13.24 27.19
C GLU D 226 -30.67 -11.71 27.24
N LEU D 227 -30.43 -11.04 26.12
CA LEU D 227 -30.55 -9.58 26.07
C LEU D 227 -32.03 -9.16 26.13
N LYS D 228 -32.92 -10.13 26.27
CA LYS D 228 -34.34 -9.84 26.33
C LYS D 228 -34.87 -10.03 27.75
N ASP D 229 -34.28 -9.32 28.70
CA ASP D 229 -34.68 -9.39 30.11
C ASP D 229 -34.29 -8.14 30.89
N ALA D 230 -33.58 -7.21 30.25
CA ALA D 230 -33.14 -5.98 30.90
C ALA D 230 -33.65 -4.71 30.23
N GLN D 231 -32.98 -4.27 29.16
CA GLN D 231 -33.38 -3.07 28.43
C GLN D 231 -33.30 -3.30 26.92
ZN ZN G . 3.45 16.81 13.75
ZN ZN H . 3.12 -1.76 -15.71
ZN ZN I . -6.17 -10.31 -17.95
ZN ZN J . -7.42 10.96 9.15
#